data_7VHE
#
_entry.id   7VHE
#
_cell.length_a   146.093
_cell.length_b   146.093
_cell.length_c   60.792
_cell.angle_alpha   90.00
_cell.angle_beta   90.00
_cell.angle_gamma   120.00
#
_symmetry.space_group_name_H-M   'P 61'
#
loop_
_entity.id
_entity.type
_entity.pdbx_description
1 polymer 'rRNA N-glycosylase'
2 polymer 'Shiga toxin 2 B subunit'
3 polymer 'RRRA peptide'
4 non-polymer 3-PYRIDINIUM-1-YLPROPANE-1-SULFONATE
5 non-polymer GLYCEROL
6 water water
#
loop_
_entity_poly.entity_id
_entity_poly.type
_entity_poly.pdbx_seq_one_letter_code
_entity_poly.pdbx_strand_id
1 'polypeptide(L)'
;REFTIDFSTQQSYVSSLNSIRTEISTPLEHISQGTTSVSVINHTPPGSYFAVDIRGLDVYQARFDHLRLIIEQNNLYVAG
FVNTATNTFYRFSDFTHISVPGVTTVSMTTDSSYTTLQRVAALERSGMQISRHSLVSSYLALMEFSGNTMTRDASRAVLR
FVTVTAEALRFRQIQREFRQALSETAPVYTMTPGDVDLTLNWGRISNVLPEYRGEDGVRVGRISFNNISAILGTVAVILN
CHHQGARSVRAVNEESQPECQITGDRPVIKINNTLWESNTAAAFLNRKSQFLYTTGK
;
A
2 'polypeptide(L)' ADCAKGKIEFSKYNEDDTFTVKVDGKEYWTSRWNLQPLLQSAQLTGMTVTIKSSTCESGSGFAEVQFNND B,C,D,E,F
3 'polypeptide(L)' RRRA(NH2) G
#
loop_
_chem_comp.id
_chem_comp.type
_chem_comp.name
_chem_comp.formula
1PS non-polymer 3-PYRIDINIUM-1-YLPROPANE-1-SULFONATE 'C8 H11 N O3 S'
GOL non-polymer GLYCEROL 'C3 H8 O3'
NH2 non-polymer 'AMINO GROUP' 'H2 N'
#
# COMPACT_ATOMS: atom_id res chain seq x y z
N ARG A 1 1.55 30.04 17.31
CA ARG A 1 1.28 30.46 15.93
C ARG A 1 -0.22 30.38 15.63
N GLU A 2 -0.78 31.50 15.18
CA GLU A 2 -2.18 31.65 14.82
C GLU A 2 -2.22 31.96 13.33
N PHE A 3 -3.09 31.28 12.58
CA PHE A 3 -3.29 31.57 11.16
C PHE A 3 -4.78 31.64 10.86
N THR A 4 -5.13 32.41 9.85
CA THR A 4 -6.50 32.42 9.35
C THR A 4 -6.58 31.63 8.07
N ILE A 5 -7.64 30.84 7.94
CA ILE A 5 -8.03 30.32 6.64
C ILE A 5 -9.33 31.01 6.28
N ASP A 6 -9.28 31.83 5.22
CA ASP A 6 -10.38 32.67 4.79
C ASP A 6 -11.05 32.03 3.59
N PHE A 7 -12.30 31.60 3.77
CA PHE A 7 -13.07 30.91 2.74
C PHE A 7 -13.84 31.87 1.83
N SER A 8 -13.51 33.16 1.88
CA SER A 8 -14.30 34.16 1.17
C SER A 8 -14.29 33.92 -0.33
N THR A 9 -13.11 33.71 -0.90
CA THR A 9 -12.95 33.50 -2.33
C THR A 9 -11.90 32.42 -2.51
N GLN A 10 -11.79 31.90 -3.73
CA GLN A 10 -10.71 30.96 -4.00
C GLN A 10 -9.36 31.62 -3.75
N GLN A 11 -9.25 32.91 -4.09
CA GLN A 11 -8.02 33.64 -3.82
C GLN A 11 -7.71 33.70 -2.33
N SER A 12 -8.67 34.12 -1.50
CA SER A 12 -8.39 34.21 -0.07
C SER A 12 -8.07 32.83 0.51
N TYR A 13 -8.76 31.81 0.04
CA TYR A 13 -8.57 30.46 0.58
C TYR A 13 -7.18 29.92 0.25
N VAL A 14 -6.82 29.95 -1.04
CA VAL A 14 -5.51 29.45 -1.45
C VAL A 14 -4.40 30.30 -0.86
N SER A 15 -4.58 31.62 -0.81
CA SER A 15 -3.60 32.45 -0.11
C SER A 15 -3.40 32.03 1.34
N SER A 16 -4.50 31.78 2.07
CA SER A 16 -4.41 31.34 3.46
C SER A 16 -3.59 30.06 3.58
N LEU A 17 -3.93 29.07 2.75
CA LEU A 17 -3.21 27.80 2.81
C LEU A 17 -1.73 27.99 2.49
N ASN A 18 -1.44 28.72 1.41
CA ASN A 18 -0.06 28.97 1.02
C ASN A 18 0.73 29.62 2.15
N SER A 19 0.14 30.61 2.84
CA SER A 19 0.85 31.26 3.94
C SER A 19 1.16 30.28 5.05
N ILE A 20 0.18 29.41 5.38
CA ILE A 20 0.45 28.41 6.41
C ILE A 20 1.61 27.51 5.99
N ARG A 21 1.54 26.94 4.78
CA ARG A 21 2.62 26.10 4.28
C ARG A 21 3.98 26.79 4.39
N THR A 22 4.06 28.04 3.93
CA THR A 22 5.30 28.78 3.97
C THR A 22 5.84 28.84 5.39
N GLU A 23 4.97 29.07 6.37
CA GLU A 23 5.44 29.24 7.74
C GLU A 23 5.87 27.91 8.36
N ILE A 24 5.18 26.81 8.04
CA ILE A 24 5.41 25.60 8.84
C ILE A 24 6.27 24.55 8.14
N SER A 25 6.73 24.80 6.91
CA SER A 25 7.37 23.75 6.12
C SER A 25 8.44 24.35 5.22
N THR A 26 9.32 23.50 4.70
CA THR A 26 10.43 23.93 3.87
C THR A 26 10.41 23.13 2.57
N PRO A 27 10.52 23.79 1.40
CA PRO A 27 10.46 23.06 0.12
C PRO A 27 11.52 21.97 0.01
N LEU A 28 11.14 20.86 -0.62
CA LEU A 28 12.09 19.86 -1.07
C LEU A 28 12.93 20.43 -2.22
N GLU A 29 14.25 20.31 -2.10
CA GLU A 29 15.15 20.81 -3.14
C GLU A 29 14.73 20.33 -4.53
N HIS A 30 14.33 19.04 -4.64
CA HIS A 30 14.08 18.43 -5.94
C HIS A 30 12.60 18.42 -6.34
N ILE A 31 11.70 18.93 -5.51
CA ILE A 31 10.31 19.04 -5.92
C ILE A 31 9.80 20.45 -5.67
N SER A 32 10.26 21.40 -6.47
CA SER A 32 9.99 22.81 -6.20
C SER A 32 10.10 23.61 -7.48
N GLN A 33 9.06 24.38 -7.77
CA GLN A 33 9.07 25.31 -8.90
C GLN A 33 8.56 26.64 -8.36
N GLY A 34 9.30 27.71 -8.63
CA GLY A 34 8.94 28.99 -8.04
C GLY A 34 8.76 28.84 -6.55
N THR A 35 7.63 29.32 -6.04
CA THR A 35 7.24 29.11 -4.65
C THR A 35 6.14 28.06 -4.49
N THR A 36 6.07 27.09 -5.41
CA THR A 36 5.08 26.01 -5.38
C THR A 36 5.85 24.71 -5.25
N SER A 37 5.73 24.04 -4.11
CA SER A 37 6.62 22.91 -3.84
C SER A 37 5.88 21.79 -3.14
N VAL A 38 6.56 20.66 -3.03
CA VAL A 38 6.30 19.72 -1.94
C VAL A 38 7.24 20.14 -0.81
N SER A 39 6.67 20.41 0.35
CA SER A 39 7.40 20.92 1.49
C SER A 39 7.36 19.94 2.65
N VAL A 40 8.44 19.90 3.42
CA VAL A 40 8.56 19.05 4.59
C VAL A 40 8.25 19.87 5.84
N ILE A 41 7.34 19.37 6.67
CA ILE A 41 7.00 20.05 7.92
C ILE A 41 8.28 20.24 8.73
N ASN A 42 8.59 21.49 9.08
CA ASN A 42 9.75 21.75 9.93
C ASN A 42 9.56 21.09 11.29
N HIS A 43 10.64 20.55 11.84
CA HIS A 43 10.57 19.88 13.13
C HIS A 43 10.13 20.85 14.23
N THR A 44 9.15 20.43 15.02
CA THR A 44 8.79 21.04 16.28
C THR A 44 8.72 19.94 17.32
N PRO A 45 8.83 20.30 18.60
CA PRO A 45 8.71 19.29 19.64
C PRO A 45 7.31 18.71 19.66
N PRO A 46 7.15 17.45 20.08
CA PRO A 46 5.80 16.88 20.19
C PRO A 46 4.92 17.71 21.13
N GLY A 47 3.64 17.77 20.78
CA GLY A 47 2.71 18.63 21.47
C GLY A 47 2.63 20.05 20.93
N SER A 48 3.54 20.45 20.05
CA SER A 48 3.45 21.76 19.42
C SER A 48 2.25 21.81 18.50
N TYR A 49 1.53 22.92 18.54
CA TYR A 49 0.35 23.06 17.70
C TYR A 49 0.34 24.47 17.13
N PHE A 50 -0.47 24.65 16.09
CA PHE A 50 -0.84 25.99 15.68
C PHE A 50 -2.35 26.08 15.62
N ALA A 51 -2.83 27.31 15.68
CA ALA A 51 -4.26 27.59 15.67
C ALA A 51 -4.67 28.08 14.29
N VAL A 52 -5.86 27.66 13.84
CA VAL A 52 -6.43 28.15 12.59
C VAL A 52 -7.77 28.79 12.89
N ASP A 53 -7.89 30.09 12.64
CA ASP A 53 -9.18 30.74 12.75
C ASP A 53 -9.94 30.64 11.44
N ILE A 54 -11.17 30.14 11.51
CA ILE A 54 -12.01 29.98 10.32
C ILE A 54 -12.68 31.32 10.04
N ARG A 55 -12.48 31.85 8.83
CA ARG A 55 -13.08 33.12 8.44
C ARG A 55 -13.75 32.97 7.07
N GLY A 56 -14.59 33.95 6.74
CA GLY A 56 -15.05 34.04 5.37
C GLY A 56 -16.08 33.01 4.93
N LEU A 57 -16.73 32.30 5.85
CA LEU A 57 -17.79 31.38 5.46
C LEU A 57 -18.93 32.14 4.77
N ASP A 58 -19.23 33.32 5.29
CA ASP A 58 -20.03 34.31 4.60
C ASP A 58 -19.04 35.27 3.97
N VAL A 59 -19.00 35.31 2.65
CA VAL A 59 -17.96 36.01 1.90
C VAL A 59 -17.69 37.38 2.48
N TYR A 60 -16.44 37.61 2.93
CA TYR A 60 -15.96 38.93 3.38
C TYR A 60 -16.73 39.52 4.55
N GLN A 61 -17.49 38.72 5.29
CA GLN A 61 -18.32 39.19 6.39
C GLN A 61 -17.71 38.74 7.72
N ALA A 62 -17.65 39.66 8.68
CA ALA A 62 -17.20 39.35 10.03
C ALA A 62 -18.36 38.71 10.79
N ARG A 63 -18.72 37.51 10.36
CA ARG A 63 -19.67 36.70 11.10
C ARG A 63 -19.26 35.25 10.95
N PHE A 64 -19.90 34.39 11.74
CA PHE A 64 -19.51 32.98 11.77
C PHE A 64 -18.02 32.86 12.06
N ASP A 65 -17.54 33.65 13.02
CA ASP A 65 -16.12 33.87 13.22
C ASP A 65 -15.63 33.38 14.57
N HIS A 66 -16.31 32.41 15.18
CA HIS A 66 -15.95 31.91 16.50
C HIS A 66 -15.34 30.51 16.48
N LEU A 67 -15.06 29.96 15.31
CA LEU A 67 -14.47 28.63 15.23
C LEU A 67 -12.98 28.73 15.00
N ARG A 68 -12.22 28.04 15.85
CA ARG A 68 -10.79 27.86 15.69
C ARG A 68 -10.46 26.37 15.70
N LEU A 69 -9.55 25.93 14.85
CA LEU A 69 -9.07 24.55 14.88
C LEU A 69 -7.71 24.52 15.55
N ILE A 70 -7.48 23.50 16.37
CA ILE A 70 -6.17 23.30 16.97
C ILE A 70 -5.49 22.17 16.19
N ILE A 71 -4.34 22.45 15.60
CA ILE A 71 -3.70 21.51 14.69
C ILE A 71 -2.33 21.17 15.22
N GLU A 72 -2.11 19.89 15.52
CA GLU A 72 -0.77 19.45 15.88
C GLU A 72 0.18 19.65 14.72
N GLN A 73 1.28 20.34 14.99
CA GLN A 73 2.07 20.90 13.89
C GLN A 73 2.86 19.81 13.16
N ASN A 74 3.47 18.87 13.89
CA ASN A 74 4.32 17.86 13.23
C ASN A 74 3.54 16.96 12.28
N ASN A 75 2.24 16.77 12.50
CA ASN A 75 1.49 15.81 11.69
C ASN A 75 0.23 16.38 11.05
N LEU A 76 -0.07 17.66 11.27
CA LEU A 76 -1.24 18.34 10.70
C LEU A 76 -2.56 17.72 11.14
N TYR A 77 -2.57 16.91 12.21
CA TYR A 77 -3.83 16.41 12.73
C TYR A 77 -4.60 17.49 13.45
N VAL A 78 -5.90 17.54 13.20
CA VAL A 78 -6.75 18.38 14.03
C VAL A 78 -6.91 17.70 15.38
N ALA A 79 -6.43 18.36 16.44
CA ALA A 79 -6.55 17.87 17.81
C ALA A 79 -7.90 18.19 18.42
N GLY A 80 -8.66 19.07 17.78
CA GLY A 80 -9.94 19.46 18.29
C GLY A 80 -10.29 20.85 17.77
N PHE A 81 -11.38 21.38 18.29
CA PHE A 81 -11.87 22.67 17.84
C PHE A 81 -12.19 23.54 19.06
N VAL A 82 -12.06 24.85 18.86
CA VAL A 82 -12.28 25.85 19.89
C VAL A 82 -13.47 26.69 19.49
N ASN A 83 -14.40 26.82 20.45
CA ASN A 83 -15.47 27.81 20.39
C ASN A 83 -14.92 29.05 21.12
N THR A 84 -14.50 30.05 20.34
CA THR A 84 -13.91 31.24 20.93
C THR A 84 -14.95 32.12 21.64
N ALA A 85 -16.24 31.98 21.30
CA ALA A 85 -17.27 32.70 22.05
C ALA A 85 -17.39 32.19 23.48
N THR A 86 -17.39 30.86 23.65
CA THR A 86 -17.40 30.27 24.98
C THR A 86 -16.00 30.05 25.55
N ASN A 87 -14.94 30.23 24.75
CA ASN A 87 -13.57 29.96 25.19
C ASN A 87 -13.40 28.50 25.61
N THR A 88 -13.92 27.59 24.80
CA THR A 88 -13.89 26.16 25.12
C THR A 88 -13.19 25.38 24.01
N PHE A 89 -12.19 24.60 24.39
CA PHE A 89 -11.44 23.71 23.49
C PHE A 89 -11.97 22.28 23.67
N TYR A 90 -12.64 21.77 22.64
CA TYR A 90 -13.11 20.39 22.62
C TYR A 90 -12.03 19.56 21.95
N ARG A 91 -11.39 18.70 22.72
CA ARG A 91 -10.16 18.03 22.35
C ARG A 91 -10.41 16.54 22.21
N PHE A 92 -10.01 15.97 21.07
CA PHE A 92 -10.20 14.54 20.84
C PHE A 92 -9.35 13.73 21.82
N SER A 93 -9.80 12.48 22.07
CA SER A 93 -9.17 11.68 23.12
C SER A 93 -7.73 11.29 22.78
N ASP A 94 -7.33 11.34 21.51
CA ASP A 94 -5.97 10.97 21.15
C ASP A 94 -5.02 12.18 21.16
N PHE A 95 -5.42 13.27 21.81
CA PHE A 95 -4.61 14.48 21.87
C PHE A 95 -4.56 15.03 23.28
N THR A 96 -4.62 14.13 24.28
CA THR A 96 -4.51 14.58 25.66
C THR A 96 -3.16 15.25 25.93
N HIS A 97 -2.17 15.04 25.07
CA HIS A 97 -0.87 15.71 25.21
C HIS A 97 -0.84 17.11 24.59
N ILE A 98 -1.94 17.59 24.02
CA ILE A 98 -1.99 18.92 23.42
C ILE A 98 -2.61 19.87 24.46
N SER A 99 -1.80 20.80 24.94
N SER A 99 -1.81 20.81 24.94
CA SER A 99 -2.21 21.77 25.94
CA SER A 99 -2.24 21.75 25.97
C SER A 99 -2.34 23.13 25.29
C SER A 99 -2.33 23.14 25.35
N VAL A 100 -3.52 23.74 25.41
CA VAL A 100 -3.81 25.06 24.88
C VAL A 100 -4.03 26.00 26.06
N PRO A 101 -3.18 27.00 26.27
CA PRO A 101 -3.36 27.89 27.43
C PRO A 101 -4.56 28.80 27.25
N GLY A 102 -5.12 29.24 28.38
CA GLY A 102 -6.14 30.26 28.38
C GLY A 102 -7.54 29.79 28.10
N VAL A 103 -7.74 28.54 27.67
CA VAL A 103 -9.06 28.04 27.32
C VAL A 103 -9.50 27.02 28.36
N THR A 104 -10.80 26.76 28.39
CA THR A 104 -11.32 25.60 29.12
C THR A 104 -11.21 24.40 28.19
N THR A 105 -10.44 23.40 28.58
CA THR A 105 -10.27 22.21 27.75
C THR A 105 -11.30 21.17 28.17
N VAL A 106 -12.14 20.76 27.21
CA VAL A 106 -13.05 19.63 27.38
C VAL A 106 -12.41 18.41 26.72
N SER A 107 -11.97 17.45 27.52
CA SER A 107 -11.39 16.23 27.00
C SER A 107 -12.50 15.30 26.57
N MET A 108 -12.52 14.91 25.30
CA MET A 108 -13.64 14.10 24.89
C MET A 108 -13.29 12.61 24.87
N THR A 109 -14.35 11.80 24.94
CA THR A 109 -14.24 10.36 24.81
C THR A 109 -13.97 9.93 23.37
N THR A 110 -14.36 10.77 22.41
CA THR A 110 -14.23 10.44 21.00
C THR A 110 -12.80 10.64 20.52
N ASP A 111 -12.27 9.65 19.81
CA ASP A 111 -10.97 9.84 19.18
C ASP A 111 -11.14 10.43 17.79
N SER A 112 -10.06 10.95 17.25
CA SER A 112 -10.10 11.71 16.00
C SER A 112 -9.96 10.84 14.77
N SER A 113 -9.90 9.51 14.90
CA SER A 113 -9.70 8.68 13.71
C SER A 113 -10.87 8.84 12.76
N TYR A 114 -10.54 8.79 11.47
CA TYR A 114 -11.57 8.85 10.45
C TYR A 114 -12.57 7.71 10.61
N THR A 115 -12.09 6.53 11.00
CA THR A 115 -13.02 5.42 11.28
C THR A 115 -14.07 5.82 12.31
N THR A 116 -13.61 6.36 13.45
CA THR A 116 -14.57 6.77 14.48
C THR A 116 -15.44 7.91 13.99
N LEU A 117 -14.83 8.93 13.36
CA LEU A 117 -15.60 10.09 12.95
C LEU A 117 -16.69 9.69 11.97
N GLN A 118 -16.35 8.83 11.00
CA GLN A 118 -17.31 8.41 10.00
C GLN A 118 -18.43 7.59 10.62
N ARG A 119 -18.10 6.76 11.61
CA ARG A 119 -19.14 6.01 12.33
C ARG A 119 -20.10 6.95 13.05
N VAL A 120 -19.57 7.81 13.91
CA VAL A 120 -20.41 8.73 14.68
C VAL A 120 -21.19 9.63 13.75
N ALA A 121 -20.57 10.04 12.65
CA ALA A 121 -21.21 10.96 11.72
C ALA A 121 -22.24 10.28 10.84
N ALA A 122 -22.18 8.95 10.72
CA ALA A 122 -22.95 8.23 9.72
C ALA A 122 -22.73 8.84 8.35
N LEU A 123 -21.45 8.97 7.98
CA LEU A 123 -21.04 9.69 6.78
C LEU A 123 -19.71 9.12 6.35
N GLU A 124 -19.66 8.48 5.18
CA GLU A 124 -18.38 8.06 4.61
C GLU A 124 -17.77 9.22 3.85
N ARG A 125 -16.43 9.33 3.93
CA ARG A 125 -15.74 10.41 3.24
C ARG A 125 -15.85 10.26 1.73
N SER A 126 -15.79 9.03 1.23
CA SER A 126 -15.95 8.79 -0.21
C SER A 126 -17.36 9.15 -0.62
N GLY A 127 -17.49 10.19 -1.45
CA GLY A 127 -18.78 10.71 -1.85
C GLY A 127 -19.30 11.83 -0.99
N MET A 128 -18.61 12.17 0.11
CA MET A 128 -19.04 13.27 0.95
C MET A 128 -19.01 14.59 0.18
N GLN A 129 -20.10 15.35 0.31
CA GLN A 129 -20.27 16.63 -0.36
C GLN A 129 -19.89 17.76 0.59
N ILE A 130 -19.11 18.72 0.09
CA ILE A 130 -18.81 19.93 0.83
C ILE A 130 -19.13 21.13 -0.04
N SER A 131 -19.86 22.08 0.50
CA SER A 131 -20.19 23.32 -0.17
C SER A 131 -20.01 24.43 0.85
N ARG A 132 -20.01 25.67 0.37
CA ARG A 132 -20.06 26.79 1.30
C ARG A 132 -21.21 26.61 2.29
N HIS A 133 -22.39 26.25 1.78
CA HIS A 133 -23.56 26.14 2.63
C HIS A 133 -23.37 25.09 3.72
N SER A 134 -22.81 23.92 3.36
CA SER A 134 -22.62 22.89 4.37
C SER A 134 -21.45 23.20 5.30
N LEU A 135 -20.51 24.05 4.89
CA LEU A 135 -19.51 24.54 5.84
C LEU A 135 -20.12 25.54 6.82
N VAL A 136 -21.09 26.35 6.38
CA VAL A 136 -21.80 27.17 7.35
C VAL A 136 -22.58 26.28 8.33
N SER A 137 -23.26 25.25 7.80
CA SER A 137 -23.98 24.32 8.67
C SER A 137 -23.03 23.63 9.65
N SER A 138 -21.85 23.24 9.18
CA SER A 138 -20.84 22.62 10.04
C SER A 138 -20.39 23.58 11.13
N TYR A 139 -20.14 24.83 10.75
CA TYR A 139 -19.79 25.84 11.73
C TYR A 139 -20.86 25.93 12.81
N LEU A 140 -22.12 26.03 12.40
CA LEU A 140 -23.21 26.18 13.37
C LEU A 140 -23.29 24.94 14.26
N ALA A 141 -23.14 23.74 13.69
CA ALA A 141 -23.17 22.51 14.47
C ALA A 141 -22.06 22.47 15.51
N LEU A 142 -20.86 22.96 15.15
CA LEU A 142 -19.77 22.93 16.11
C LEU A 142 -19.94 24.00 17.19
N MET A 143 -20.54 25.13 16.84
CA MET A 143 -20.83 26.16 17.85
C MET A 143 -21.92 25.72 18.82
N GLU A 144 -22.90 24.96 18.34
CA GLU A 144 -23.94 24.45 19.21
C GLU A 144 -23.44 23.31 20.10
N PHE A 145 -22.28 22.75 19.79
CA PHE A 145 -21.85 21.53 20.44
C PHE A 145 -21.35 21.82 21.84
N SER A 146 -21.76 20.97 22.77
CA SER A 146 -21.26 20.96 24.12
C SER A 146 -21.19 19.50 24.57
N GLY A 147 -20.36 19.24 25.55
CA GLY A 147 -20.23 17.90 26.08
C GLY A 147 -18.91 17.27 25.72
N ASN A 148 -18.69 16.10 26.32
CA ASN A 148 -17.45 15.35 26.21
C ASN A 148 -17.52 14.26 25.14
N THR A 149 -18.60 14.16 24.39
CA THR A 149 -18.75 13.09 23.41
C THR A 149 -19.31 13.66 22.12
N MET A 150 -18.54 13.49 21.03
CA MET A 150 -18.95 13.89 19.69
C MET A 150 -20.34 13.38 19.32
N THR A 151 -21.17 14.30 18.83
CA THR A 151 -22.46 13.96 18.26
C THR A 151 -22.31 13.69 16.78
N ARG A 152 -23.40 13.23 16.17
CA ARG A 152 -23.40 12.98 14.72
C ARG A 152 -23.11 14.26 13.93
N ASP A 153 -23.83 15.34 14.23
CA ASP A 153 -23.67 16.55 13.43
C ASP A 153 -22.33 17.21 13.68
N ALA A 154 -21.83 17.19 14.92
CA ALA A 154 -20.50 17.72 15.16
C ALA A 154 -19.44 16.88 14.47
N SER A 155 -19.64 15.57 14.37
CA SER A 155 -18.69 14.73 13.64
C SER A 155 -18.72 15.02 12.15
N ARG A 156 -19.91 15.19 11.56
CA ARG A 156 -19.97 15.58 10.15
C ARG A 156 -19.25 16.90 9.92
N ALA A 157 -19.44 17.86 10.84
CA ALA A 157 -18.74 19.13 10.74
C ALA A 157 -17.23 18.95 10.77
N VAL A 158 -16.74 18.09 11.66
CA VAL A 158 -15.28 17.91 11.73
C VAL A 158 -14.78 17.22 10.46
N LEU A 159 -15.52 16.24 9.94
CA LEU A 159 -15.10 15.60 8.69
C LEU A 159 -14.93 16.65 7.59
N ARG A 160 -15.91 17.54 7.46
CA ARG A 160 -15.84 18.53 6.38
C ARG A 160 -14.71 19.53 6.61
N PHE A 161 -14.58 20.05 7.85
CA PHE A 161 -13.57 21.07 8.09
C PHE A 161 -12.16 20.51 7.99
N VAL A 162 -11.96 19.27 8.45
CA VAL A 162 -10.63 18.68 8.33
C VAL A 162 -10.27 18.48 6.87
N THR A 163 -11.24 18.04 6.06
CA THR A 163 -10.94 17.89 4.64
C THR A 163 -10.48 19.20 4.03
N VAL A 164 -11.15 20.30 4.38
CA VAL A 164 -10.89 21.53 3.64
C VAL A 164 -9.77 22.35 4.27
N THR A 165 -9.27 21.95 5.44
CA THR A 165 -8.16 22.68 6.04
C THR A 165 -6.91 21.80 6.00
N ALA A 166 -6.79 20.85 6.94
CA ALA A 166 -5.58 20.04 7.04
C ALA A 166 -5.34 19.19 5.80
N GLU A 167 -6.38 18.53 5.26
CA GLU A 167 -6.12 17.69 4.09
C GLU A 167 -5.77 18.54 2.87
N ALA A 168 -6.40 19.70 2.71
CA ALA A 168 -6.02 20.60 1.63
C ALA A 168 -4.62 21.16 1.84
N LEU A 169 -4.23 21.43 3.10
CA LEU A 169 -2.84 21.82 3.37
C LEU A 169 -1.88 20.76 2.87
N ARG A 170 -2.17 19.49 3.14
CA ARG A 170 -1.31 18.41 2.69
C ARG A 170 -1.33 18.26 1.17
N PHE A 171 -2.50 18.38 0.57
CA PHE A 171 -2.71 17.93 -0.80
C PHE A 171 -3.23 19.08 -1.66
N ARG A 172 -2.37 19.58 -2.54
CA ARG A 172 -2.80 20.57 -3.52
C ARG A 172 -3.99 20.07 -4.34
N GLN A 173 -4.12 18.75 -4.54
CA GLN A 173 -5.24 18.21 -5.31
C GLN A 173 -6.56 18.52 -4.63
N ILE A 174 -6.61 18.35 -3.31
CA ILE A 174 -7.83 18.64 -2.58
C ILE A 174 -8.09 20.14 -2.52
N GLN A 175 -7.03 20.93 -2.33
CA GLN A 175 -7.20 22.38 -2.40
C GLN A 175 -7.83 22.81 -3.72
N ARG A 176 -7.30 22.26 -4.83
CA ARG A 176 -7.76 22.62 -6.17
C ARG A 176 -9.19 22.18 -6.41
N GLU A 177 -9.53 20.94 -6.00
CA GLU A 177 -10.88 20.46 -6.24
C GLU A 177 -11.88 21.16 -5.34
N PHE A 178 -11.54 21.38 -4.08
CA PHE A 178 -12.54 21.95 -3.20
C PHE A 178 -12.76 23.42 -3.49
N ARG A 179 -11.71 24.16 -3.88
CA ARG A 179 -11.87 25.60 -3.96
C ARG A 179 -12.95 26.02 -4.95
N GLN A 180 -13.27 25.17 -5.94
CA GLN A 180 -14.36 25.48 -6.86
C GLN A 180 -15.64 25.82 -6.11
N ALA A 181 -15.89 25.16 -4.98
CA ALA A 181 -17.12 25.38 -4.22
C ALA A 181 -17.19 26.79 -3.62
N LEU A 182 -16.09 27.53 -3.58
CA LEU A 182 -16.09 28.87 -3.00
C LEU A 182 -16.44 29.94 -4.02
N SER A 183 -16.62 29.58 -5.29
CA SER A 183 -16.93 30.56 -6.31
C SER A 183 -18.41 30.93 -6.26
N GLU A 184 -18.75 32.06 -6.89
CA GLU A 184 -20.12 32.57 -6.84
C GLU A 184 -21.10 31.59 -7.44
N THR A 185 -20.64 30.72 -8.33
CA THR A 185 -21.47 29.62 -8.78
C THR A 185 -21.89 28.75 -7.60
N ALA A 186 -21.03 28.65 -6.60
CA ALA A 186 -21.25 27.83 -5.40
C ALA A 186 -21.59 26.38 -5.75
N PRO A 187 -20.79 25.71 -6.60
CA PRO A 187 -21.03 24.29 -6.87
C PRO A 187 -20.68 23.46 -5.64
N VAL A 188 -20.85 22.15 -5.75
CA VAL A 188 -20.60 21.24 -4.64
C VAL A 188 -19.29 20.51 -4.91
N TYR A 189 -18.41 20.49 -3.91
CA TYR A 189 -17.25 19.60 -3.96
C TYR A 189 -17.67 18.21 -3.50
N THR A 190 -17.31 17.18 -4.26
CA THR A 190 -17.53 15.81 -3.84
C THR A 190 -16.17 15.15 -3.67
N MET A 191 -15.86 14.77 -2.43
CA MET A 191 -14.67 13.96 -2.21
C MET A 191 -14.72 12.65 -2.97
N THR A 192 -13.65 12.37 -3.69
CA THR A 192 -13.56 11.19 -4.52
C THR A 192 -12.84 10.06 -3.78
N PRO A 193 -12.99 8.82 -4.27
CA PRO A 193 -12.12 7.75 -3.75
C PRO A 193 -10.65 8.10 -3.85
N GLY A 194 -10.25 8.77 -4.93
CA GLY A 194 -8.86 9.16 -5.08
C GLY A 194 -8.40 10.14 -4.02
N ASP A 195 -9.21 11.16 -3.73
CA ASP A 195 -8.93 12.08 -2.61
C ASP A 195 -8.73 11.31 -1.30
N VAL A 196 -9.65 10.37 -1.01
CA VAL A 196 -9.57 9.61 0.23
C VAL A 196 -8.26 8.81 0.27
N ASP A 197 -7.99 8.04 -0.79
CA ASP A 197 -6.73 7.32 -0.90
C ASP A 197 -5.50 8.19 -0.69
N LEU A 198 -5.55 9.44 -1.21
CA LEU A 198 -4.42 10.34 -0.98
C LEU A 198 -4.24 10.57 0.52
N THR A 199 -5.33 10.93 1.20
CA THR A 199 -5.20 11.17 2.64
C THR A 199 -4.69 9.93 3.38
N LEU A 200 -5.17 8.74 2.98
CA LEU A 200 -4.79 7.52 3.67
C LEU A 200 -3.32 7.16 3.44
N ASN A 201 -2.74 7.63 2.33
CA ASN A 201 -1.36 7.31 1.98
C ASN A 201 -0.38 8.43 2.28
N TRP A 202 -0.77 9.40 3.11
CA TRP A 202 0.07 10.58 3.32
C TRP A 202 1.41 10.22 3.98
N GLY A 203 1.38 9.35 5.01
CA GLY A 203 2.63 8.94 5.64
C GLY A 203 3.55 8.19 4.68
N ARG A 204 2.98 7.31 3.86
CA ARG A 204 3.79 6.54 2.91
C ARG A 204 4.37 7.45 1.83
N ILE A 205 3.55 8.35 1.30
CA ILE A 205 4.05 9.34 0.35
C ILE A 205 5.17 10.15 0.98
N SER A 206 5.00 10.54 2.25
CA SER A 206 6.01 11.35 2.92
C SER A 206 7.33 10.62 3.02
N ASN A 207 7.29 9.30 3.23
CA ASN A 207 8.54 8.57 3.30
C ASN A 207 9.20 8.42 1.95
N VAL A 208 8.43 8.50 0.86
CA VAL A 208 9.02 8.24 -0.46
C VAL A 208 9.52 9.52 -1.15
N LEU A 209 8.71 10.58 -1.15
CA LEU A 209 9.06 11.76 -1.95
C LEU A 209 10.41 12.41 -1.63
N PRO A 210 10.95 12.38 -0.40
CA PRO A 210 12.28 12.98 -0.20
C PRO A 210 13.39 12.29 -0.97
N GLU A 211 13.17 11.06 -1.44
CA GLU A 211 14.13 10.31 -2.25
C GLU A 211 14.03 10.62 -3.74
N TYR A 212 12.97 11.31 -4.17
CA TYR A 212 12.75 11.57 -5.59
C TYR A 212 13.88 12.44 -6.16
N ARG A 213 14.41 12.01 -7.30
CA ARG A 213 15.49 12.71 -7.97
C ARG A 213 15.20 12.80 -9.46
N GLY A 214 13.97 13.17 -9.80
CA GLY A 214 13.61 13.31 -11.19
C GLY A 214 13.31 12.01 -11.91
N GLU A 215 12.98 10.95 -11.18
CA GLU A 215 12.57 9.72 -11.84
C GLU A 215 11.31 9.96 -12.68
N ASP A 216 11.13 9.14 -13.70
CA ASP A 216 10.00 9.30 -14.60
C ASP A 216 8.66 9.04 -13.92
N GLY A 217 8.65 8.39 -12.76
CA GLY A 217 7.40 8.12 -12.08
C GLY A 217 7.67 7.81 -10.63
N VAL A 218 6.58 7.83 -9.86
CA VAL A 218 6.60 7.52 -8.43
C VAL A 218 5.41 6.63 -8.16
N ARG A 219 5.63 5.52 -7.46
CA ARG A 219 4.57 4.58 -7.14
C ARG A 219 4.63 4.29 -5.65
N VAL A 220 3.54 4.58 -4.96
CA VAL A 220 3.43 4.40 -3.52
C VAL A 220 2.09 3.73 -3.28
N GLY A 221 2.09 2.43 -3.02
CA GLY A 221 0.84 1.69 -2.95
C GLY A 221 -0.04 1.96 -4.16
N ARG A 222 -1.26 2.41 -3.90
CA ARG A 222 -2.23 2.71 -4.94
C ARG A 222 -2.00 4.04 -5.65
N ILE A 223 -1.01 4.81 -5.20
CA ILE A 223 -0.77 6.17 -5.67
C ILE A 223 0.28 6.09 -6.78
N SER A 224 -0.01 6.74 -7.91
CA SER A 224 0.92 6.86 -9.03
C SER A 224 1.06 8.34 -9.40
N PHE A 225 2.30 8.81 -9.55
CA PHE A 225 2.61 10.10 -10.17
C PHE A 225 3.52 9.89 -11.37
N ASN A 226 3.25 10.55 -12.48
CA ASN A 226 3.96 10.25 -13.72
C ASN A 226 4.94 11.33 -14.15
N ASN A 227 5.00 12.45 -13.44
CA ASN A 227 5.88 13.56 -13.78
C ASN A 227 5.84 14.54 -12.63
N ILE A 228 6.69 15.57 -12.70
CA ILE A 228 6.74 16.51 -11.59
C ILE A 228 5.46 17.33 -11.51
N SER A 229 4.81 17.63 -12.64
CA SER A 229 3.55 18.36 -12.54
C SER A 229 2.47 17.53 -11.84
N ALA A 230 2.46 16.20 -12.03
CA ALA A 230 1.53 15.37 -11.26
C ALA A 230 1.83 15.42 -9.76
N ILE A 231 3.10 15.32 -9.39
CA ILE A 231 3.47 15.43 -7.98
C ILE A 231 3.00 16.76 -7.41
N LEU A 232 3.43 17.86 -8.04
CA LEU A 232 3.13 19.19 -7.52
C LEU A 232 1.63 19.49 -7.55
N GLY A 233 0.93 19.01 -8.59
CA GLY A 233 -0.50 19.20 -8.65
C GLY A 233 -1.25 18.41 -7.61
N THR A 234 -0.61 17.39 -7.04
CA THR A 234 -1.26 16.53 -6.05
C THR A 234 -0.84 16.81 -4.61
N VAL A 235 0.46 16.95 -4.35
CA VAL A 235 0.97 17.00 -2.99
C VAL A 235 1.59 18.37 -2.72
N ALA A 236 1.35 18.89 -1.53
CA ALA A 236 1.95 20.15 -1.09
C ALA A 236 2.82 20.02 0.16
N VAL A 237 2.39 19.24 1.17
CA VAL A 237 3.08 19.19 2.46
C VAL A 237 3.17 17.73 2.91
N ILE A 238 4.38 17.30 3.29
CA ILE A 238 4.60 15.92 3.74
C ILE A 238 5.22 15.95 5.13
N LEU A 239 5.13 14.81 5.82
CA LEU A 239 5.77 14.68 7.11
C LEU A 239 7.29 14.77 6.98
N ASN A 240 7.92 15.08 8.09
CA ASN A 240 9.38 15.05 8.20
C ASN A 240 9.78 13.61 8.54
N CYS A 241 10.28 12.88 7.54
CA CYS A 241 10.65 11.48 7.71
C CYS A 241 12.17 11.31 7.82
N HIS A 242 12.85 12.22 8.51
CA HIS A 242 14.31 12.08 8.67
C HIS A 242 14.81 12.85 9.88
N GLN A 257 8.60 10.73 12.29
CA GLN A 257 7.24 10.46 12.74
C GLN A 257 6.87 9.00 12.51
N PRO A 258 6.00 8.44 13.35
CA PRO A 258 5.70 6.99 13.24
C PRO A 258 4.93 6.64 11.98
N GLU A 259 4.23 7.60 11.40
CA GLU A 259 3.56 7.41 10.12
C GLU A 259 4.53 7.31 8.94
N CYS A 260 5.84 7.53 9.14
CA CYS A 260 6.74 7.42 7.99
C CYS A 260 7.08 5.98 7.65
N GLN A 261 7.07 5.09 8.62
CA GLN A 261 7.57 3.73 8.44
C GLN A 261 6.47 2.74 8.79
N ILE A 262 6.25 1.76 7.91
CA ILE A 262 5.34 0.67 8.19
C ILE A 262 6.11 -0.52 8.74
N THR A 263 7.15 -0.93 8.02
CA THR A 263 7.97 -2.08 8.33
C THR A 263 9.22 -1.96 7.47
N GLY A 264 10.29 -2.63 7.90
CA GLY A 264 11.51 -2.57 7.11
C GLY A 264 12.20 -1.22 7.24
N ASP A 265 13.26 -1.04 6.44
CA ASP A 265 14.06 0.18 6.52
C ASP A 265 14.51 0.70 5.17
N ARG A 266 13.84 0.34 4.08
CA ARG A 266 14.25 0.76 2.74
C ARG A 266 13.14 1.61 2.15
N PRO A 267 13.24 2.94 2.19
CA PRO A 267 12.12 3.75 1.65
C PRO A 267 11.76 3.43 0.20
N VAL A 268 12.73 3.29 -0.71
CA VAL A 268 12.42 3.19 -2.13
C VAL A 268 13.28 2.16 -2.82
N ILE A 269 12.77 1.70 -3.95
CA ILE A 269 13.51 0.94 -4.94
C ILE A 269 13.28 1.62 -6.28
N LYS A 270 14.36 1.95 -7.00
CA LYS A 270 14.19 2.46 -8.35
C LYS A 270 14.11 1.26 -9.29
N ILE A 271 13.00 1.16 -10.03
CA ILE A 271 12.76 0.09 -11.00
C ILE A 271 12.33 0.71 -12.32
N ASN A 272 13.10 0.48 -13.37
CA ASN A 272 12.74 0.94 -14.71
C ASN A 272 12.37 2.43 -14.70
N ASN A 273 13.26 3.22 -14.07
CA ASN A 273 13.12 4.69 -13.97
C ASN A 273 11.83 5.11 -13.26
N THR A 274 11.33 4.28 -12.37
CA THR A 274 10.23 4.65 -11.49
C THR A 274 10.67 4.45 -10.04
N LEU A 275 10.36 5.42 -9.18
CA LEU A 275 10.66 5.32 -7.76
C LEU A 275 9.51 4.61 -7.06
N TRP A 276 9.74 3.40 -6.59
CA TRP A 276 8.73 2.63 -5.88
C TRP A 276 8.94 2.71 -4.38
N GLU A 277 7.84 2.82 -3.64
CA GLU A 277 7.88 2.46 -2.23
C GLU A 277 8.30 1.00 -2.15
N SER A 278 9.37 0.72 -1.39
CA SER A 278 9.92 -0.63 -1.43
C SER A 278 8.90 -1.66 -0.93
N ASN A 279 8.10 -1.29 0.07
CA ASN A 279 7.12 -2.21 0.63
C ASN A 279 6.03 -2.57 -0.37
N THR A 280 5.68 -1.68 -1.30
CA THR A 280 4.72 -2.04 -2.33
C THR A 280 5.26 -3.15 -3.24
N ALA A 281 6.50 -2.95 -3.74
CA ALA A 281 7.11 -3.98 -4.57
C ALA A 281 7.26 -5.28 -3.80
N ALA A 282 7.74 -5.20 -2.56
CA ALA A 282 7.85 -6.41 -1.74
C ALA A 282 6.50 -7.12 -1.61
N ALA A 283 5.41 -6.36 -1.53
CA ALA A 283 4.09 -6.96 -1.33
C ALA A 283 3.52 -7.62 -2.57
N PHE A 284 4.06 -7.38 -3.77
CA PHE A 284 3.67 -8.25 -4.88
C PHE A 284 4.81 -9.14 -5.39
N LEU A 285 5.98 -9.10 -4.77
CA LEU A 285 7.05 -10.02 -5.11
C LEU A 285 7.26 -11.08 -4.03
N ASN A 286 6.27 -11.32 -3.18
CA ASN A 286 6.38 -12.34 -2.15
C ASN A 286 5.53 -13.57 -2.46
N ARG A 287 5.16 -13.77 -3.72
CA ARG A 287 4.32 -14.90 -4.09
C ARG A 287 5.17 -16.08 -4.52
N LYS A 288 4.80 -17.28 -4.09
CA LYS A 288 5.54 -18.43 -4.57
C LYS A 288 5.02 -18.83 -5.94
N SER A 289 5.51 -19.98 -6.43
CA SER A 289 5.11 -20.45 -7.74
C SER A 289 3.60 -20.69 -7.78
N GLN A 290 2.96 -20.13 -8.80
CA GLN A 290 1.49 -20.06 -8.84
C GLN A 290 0.86 -21.46 -8.82
N PHE A 291 1.39 -22.38 -9.63
CA PHE A 291 0.84 -23.74 -9.64
C PHE A 291 0.90 -24.36 -8.24
N LEU A 292 2.05 -24.23 -7.58
CA LEU A 292 2.22 -24.75 -6.24
C LEU A 292 1.29 -24.07 -5.25
N TYR A 293 1.11 -22.75 -5.38
CA TYR A 293 0.21 -22.02 -4.49
C TYR A 293 -1.21 -22.54 -4.62
N THR A 294 -1.71 -22.59 -5.85
CA THR A 294 -3.11 -22.90 -6.09
C THR A 294 -3.44 -24.37 -5.80
N THR A 295 -2.48 -25.28 -6.01
CA THR A 295 -2.78 -26.69 -5.75
C THR A 295 -2.48 -27.11 -4.32
N GLY A 296 -1.72 -26.33 -3.57
CA GLY A 296 -1.44 -26.64 -2.18
C GLY A 296 -2.50 -26.12 -1.25
N LYS A 297 -3.72 -26.67 -1.32
CA LYS A 297 -4.86 -26.15 -0.56
C LYS A 297 -4.98 -26.73 0.85
N ALA B 1 30.79 -24.41 -7.25
CA ALA B 1 31.54 -23.23 -7.65
C ALA B 1 30.62 -22.09 -8.03
N ASP B 2 31.08 -20.85 -7.82
CA ASP B 2 30.35 -19.66 -8.22
C ASP B 2 30.39 -19.53 -9.73
N CYS B 3 29.34 -20.01 -10.40
CA CYS B 3 29.30 -19.95 -11.86
C CYS B 3 29.24 -18.52 -12.35
N ALA B 4 28.48 -17.67 -11.66
CA ALA B 4 28.42 -16.29 -12.10
C ALA B 4 27.90 -15.42 -10.98
N LYS B 5 28.35 -14.16 -10.96
CA LYS B 5 27.92 -13.13 -10.01
C LYS B 5 27.48 -11.93 -10.82
N GLY B 6 26.37 -11.33 -10.45
CA GLY B 6 26.00 -10.05 -11.04
C GLY B 6 24.50 -9.84 -11.06
N LYS B 7 24.10 -8.80 -11.79
CA LYS B 7 22.68 -8.49 -11.95
C LYS B 7 22.10 -9.37 -13.04
N ILE B 8 20.82 -9.70 -12.89
CA ILE B 8 20.14 -10.45 -13.93
C ILE B 8 19.86 -9.53 -15.11
N GLU B 9 20.48 -9.81 -16.26
CA GLU B 9 20.28 -8.93 -17.40
C GLU B 9 19.01 -9.25 -18.19
N PHE B 10 18.58 -10.51 -18.20
CA PHE B 10 17.21 -10.82 -18.59
C PHE B 10 16.84 -12.16 -17.97
N SER B 11 15.54 -12.40 -17.91
CA SER B 11 15.01 -13.70 -17.49
C SER B 11 14.00 -14.15 -18.53
N LYS B 12 13.74 -15.45 -18.57
CA LYS B 12 12.86 -16.02 -19.57
C LYS B 12 12.16 -17.25 -18.99
N TYR B 13 10.84 -17.29 -19.13
CA TYR B 13 10.11 -18.54 -18.93
C TYR B 13 10.16 -19.34 -20.23
N ASN B 14 10.56 -20.60 -20.13
CA ASN B 14 10.74 -21.47 -21.29
C ASN B 14 9.58 -22.44 -21.44
N GLU B 15 9.40 -22.91 -22.67
CA GLU B 15 8.26 -23.77 -23.01
C GLU B 15 8.27 -25.07 -22.25
N ASP B 16 9.44 -25.50 -21.76
CA ASP B 16 9.53 -26.72 -20.98
C ASP B 16 9.37 -26.46 -19.48
N ASP B 17 8.89 -25.27 -19.11
CA ASP B 17 8.67 -24.84 -17.73
C ASP B 17 9.96 -24.71 -16.95
N THR B 18 11.10 -24.58 -17.63
CA THR B 18 12.29 -24.15 -16.94
C THR B 18 12.37 -22.62 -17.01
N PHE B 19 13.37 -22.06 -16.35
CA PHE B 19 13.56 -20.62 -16.23
C PHE B 19 15.00 -20.29 -16.52
N THR B 20 15.23 -19.38 -17.44
CA THR B 20 16.57 -18.95 -17.79
C THR B 20 16.84 -17.55 -17.24
N VAL B 21 18.04 -17.33 -16.77
CA VAL B 21 18.50 -16.00 -16.41
C VAL B 21 19.85 -15.79 -17.07
N LYS B 22 20.17 -14.54 -17.34
CA LYS B 22 21.46 -14.24 -17.95
C LYS B 22 22.17 -13.29 -16.99
N VAL B 23 23.33 -13.72 -16.50
CA VAL B 23 24.10 -12.99 -15.51
C VAL B 23 25.56 -12.95 -15.95
N ASP B 24 26.16 -11.76 -15.89
CA ASP B 24 27.54 -11.56 -16.30
C ASP B 24 27.80 -12.19 -17.66
N GLY B 25 26.92 -11.87 -18.61
CA GLY B 25 27.08 -12.31 -19.98
C GLY B 25 26.82 -13.78 -20.25
N LYS B 26 26.49 -14.60 -19.25
CA LYS B 26 26.28 -16.02 -19.44
C LYS B 26 24.85 -16.39 -19.08
N GLU B 27 24.26 -17.32 -19.85
CA GLU B 27 22.90 -17.78 -19.60
C GLU B 27 22.92 -19.11 -18.84
N TYR B 28 21.97 -19.24 -17.90
CA TYR B 28 21.80 -20.46 -17.11
C TYR B 28 20.32 -20.72 -16.93
N TRP B 29 19.95 -21.98 -16.78
CA TRP B 29 18.55 -22.31 -16.57
C TRP B 29 18.37 -23.15 -15.31
N THR B 30 17.15 -23.15 -14.80
CA THR B 30 16.78 -23.92 -13.63
C THR B 30 15.42 -24.54 -13.87
N SER B 31 15.25 -25.78 -13.44
CA SER B 31 13.95 -26.43 -13.49
C SER B 31 13.16 -26.24 -12.20
N ARG B 32 13.75 -25.59 -11.20
CA ARG B 32 13.09 -25.41 -9.90
C ARG B 32 12.05 -24.29 -10.04
N TRP B 33 10.76 -24.67 -9.95
CA TRP B 33 9.70 -23.68 -10.15
C TRP B 33 9.78 -22.55 -9.14
N ASN B 34 10.09 -22.85 -7.88
CA ASN B 34 10.09 -21.77 -6.90
C ASN B 34 11.22 -20.78 -7.13
N LEU B 35 12.19 -21.09 -7.99
CA LEU B 35 13.20 -20.10 -8.33
C LEU B 35 12.67 -19.05 -9.29
N GLN B 36 11.52 -19.31 -9.93
CA GLN B 36 11.03 -18.36 -10.91
C GLN B 36 10.63 -17.02 -10.29
N PRO B 37 9.74 -16.96 -9.29
CA PRO B 37 9.53 -15.67 -8.60
C PRO B 37 10.79 -15.13 -7.95
N LEU B 38 11.54 -15.99 -7.27
CA LEU B 38 12.73 -15.52 -6.58
C LEU B 38 13.67 -14.80 -7.53
N LEU B 39 13.89 -15.39 -8.70
CA LEU B 39 14.78 -14.78 -9.66
C LEU B 39 14.17 -13.51 -10.24
N GLN B 40 12.87 -13.52 -10.58
CA GLN B 40 12.30 -12.32 -11.18
C GLN B 40 12.33 -11.15 -10.20
N SER B 41 12.02 -11.44 -8.94
CA SER B 41 12.13 -10.41 -7.92
C SER B 41 13.54 -9.86 -7.88
N ALA B 42 14.55 -10.75 -7.90
CA ALA B 42 15.93 -10.28 -7.87
C ALA B 42 16.19 -9.39 -9.08
N GLN B 43 15.63 -9.75 -10.23
CA GLN B 43 15.88 -8.96 -11.41
C GLN B 43 15.23 -7.59 -11.27
N LEU B 44 14.04 -7.55 -10.65
CA LEU B 44 13.31 -6.29 -10.59
C LEU B 44 13.91 -5.35 -9.56
N THR B 45 14.42 -5.88 -8.46
CA THR B 45 14.90 -5.01 -7.40
C THR B 45 16.40 -4.74 -7.50
N GLY B 46 17.09 -5.28 -8.51
CA GLY B 46 18.50 -5.01 -8.68
C GLY B 46 19.42 -5.80 -7.77
N MET B 47 18.98 -6.97 -7.31
CA MET B 47 19.80 -7.82 -6.48
C MET B 47 21.01 -8.31 -7.28
N THR B 48 22.13 -8.51 -6.60
CA THR B 48 23.21 -9.32 -7.14
C THR B 48 22.92 -10.79 -6.84
N VAL B 49 22.90 -11.62 -7.88
CA VAL B 49 22.73 -13.05 -7.73
C VAL B 49 24.06 -13.75 -8.02
N THR B 50 24.31 -14.82 -7.26
CA THR B 50 25.46 -15.69 -7.47
C THR B 50 24.91 -17.06 -7.83
N ILE B 51 24.96 -17.38 -9.12
CA ILE B 51 24.63 -18.72 -9.59
C ILE B 51 25.78 -19.64 -9.20
N LYS B 52 25.45 -20.72 -8.47
CA LYS B 52 26.39 -21.72 -8.02
C LYS B 52 25.99 -23.08 -8.59
N SER B 53 26.98 -23.95 -8.78
CA SER B 53 26.73 -25.26 -9.37
C SER B 53 28.02 -26.06 -9.37
N SER B 54 27.88 -27.37 -9.54
CA SER B 54 29.04 -28.21 -9.80
C SER B 54 29.59 -27.95 -11.19
N THR B 55 28.72 -27.98 -12.20
CA THR B 55 29.08 -27.71 -13.58
C THR B 55 28.53 -26.34 -13.97
N CYS B 56 29.43 -25.38 -14.13
CA CYS B 56 29.04 -24.01 -14.46
C CYS B 56 28.99 -23.77 -15.96
N SER B 60 24.38 -24.30 -18.74
CA SER B 60 23.69 -25.49 -18.27
C SER B 60 22.77 -25.15 -17.09
N GLY B 61 22.39 -26.17 -16.30
CA GLY B 61 21.39 -25.99 -15.27
C GLY B 61 21.97 -25.61 -13.92
N PHE B 62 21.13 -25.02 -13.08
CA PHE B 62 21.53 -24.70 -11.71
C PHE B 62 20.34 -24.83 -10.77
N ALA B 63 20.66 -25.01 -9.50
CA ALA B 63 19.62 -25.08 -8.48
C ALA B 63 20.13 -24.49 -7.17
N GLU B 64 21.23 -23.74 -7.21
CA GLU B 64 21.73 -23.01 -6.05
C GLU B 64 22.05 -21.60 -6.49
N VAL B 65 21.47 -20.62 -5.81
CA VAL B 65 21.71 -19.22 -6.13
C VAL B 65 21.59 -18.38 -4.87
N GLN B 66 22.58 -17.51 -4.68
CA GLN B 66 22.58 -16.58 -3.57
C GLN B 66 22.00 -15.26 -4.05
N PHE B 67 21.23 -14.62 -3.18
CA PHE B 67 20.63 -13.31 -3.44
C PHE B 67 21.22 -12.29 -2.47
N ASN B 68 21.72 -11.18 -3.00
CA ASN B 68 22.24 -10.09 -2.18
C ASN B 68 21.60 -8.79 -2.65
N ASN B 69 21.14 -7.97 -1.71
CA ASN B 69 20.68 -6.64 -2.09
C ASN B 69 21.81 -5.84 -2.72
N ASP B 70 21.45 -4.96 -3.63
CA ASP B 70 22.44 -4.02 -4.15
C ASP B 70 22.64 -2.87 -3.17
N ALA C 1 14.48 -21.55 20.65
CA ALA C 1 15.08 -20.31 21.16
C ALA C 1 15.03 -19.25 20.07
N ASP C 2 15.07 -17.95 20.43
CA ASP C 2 15.18 -16.88 19.45
C ASP C 2 16.66 -16.76 19.10
N CYS C 3 17.06 -17.31 17.96
CA CYS C 3 18.48 -17.48 17.67
C CYS C 3 19.11 -16.24 17.08
N ALA C 4 18.36 -15.47 16.30
CA ALA C 4 18.92 -14.29 15.65
C ALA C 4 17.77 -13.35 15.31
N LYS C 5 17.91 -12.07 15.64
CA LYS C 5 16.92 -11.08 15.24
C LYS C 5 17.66 -9.98 14.48
N GLY C 6 17.16 -9.66 13.29
CA GLY C 6 17.77 -8.61 12.50
C GLY C 6 17.39 -8.75 11.04
N LYS C 7 18.06 -7.95 10.21
CA LYS C 7 17.79 -8.00 8.78
C LYS C 7 18.49 -9.20 8.14
N ILE C 8 17.92 -9.65 7.04
CA ILE C 8 18.51 -10.74 6.26
C ILE C 8 19.69 -10.20 5.46
N GLU C 9 20.91 -10.68 5.75
CA GLU C 9 22.08 -10.16 5.07
C GLU C 9 22.27 -10.76 3.68
N PHE C 10 21.89 -12.03 3.51
CA PHE C 10 21.75 -12.62 2.19
C PHE C 10 20.79 -13.80 2.32
N SER C 11 20.29 -14.27 1.19
CA SER C 11 19.53 -15.50 1.17
C SER C 11 20.05 -16.36 0.02
N LYS C 12 19.73 -17.66 0.09
CA LYS C 12 20.26 -18.58 -0.89
C LYS C 12 19.30 -19.74 -1.05
N TYR C 13 18.86 -19.96 -2.29
CA TYR C 13 18.15 -21.18 -2.64
C TYR C 13 19.16 -22.31 -2.80
N ASN C 14 18.89 -23.44 -2.14
CA ASN C 14 19.85 -24.54 -2.06
C ASN C 14 19.46 -25.67 -2.99
N GLU C 15 20.45 -26.48 -3.36
CA GLU C 15 20.19 -27.55 -4.33
C GLU C 15 19.21 -28.59 -3.80
N ASP C 16 19.13 -28.77 -2.49
CA ASP C 16 18.14 -29.68 -1.92
C ASP C 16 16.79 -29.00 -1.71
N ASP C 17 16.59 -27.83 -2.31
CA ASP C 17 15.38 -27.03 -2.24
C ASP C 17 15.11 -26.44 -0.87
N THR C 18 16.08 -26.51 0.06
CA THR C 18 15.97 -25.71 1.25
C THR C 18 16.40 -24.28 0.91
N PHE C 19 16.28 -23.41 1.90
CA PHE C 19 16.44 -21.98 1.69
C PHE C 19 17.17 -21.41 2.89
N THR C 20 18.28 -20.73 2.63
CA THR C 20 19.15 -20.20 3.66
C THR C 20 19.01 -18.69 3.77
N VAL C 21 19.02 -18.18 5.01
CA VAL C 21 19.14 -16.74 5.25
C VAL C 21 20.28 -16.53 6.23
N LYS C 22 21.02 -15.44 6.06
CA LYS C 22 21.99 -15.06 7.07
C LYS C 22 21.41 -13.88 7.83
N VAL C 23 21.26 -14.06 9.14
CA VAL C 23 20.69 -13.09 10.07
C VAL C 23 21.64 -12.95 11.25
N ASP C 24 21.97 -11.71 11.58
CA ASP C 24 22.85 -11.42 12.71
C ASP C 24 24.14 -12.22 12.59
N GLY C 25 24.71 -12.22 11.40
CA GLY C 25 25.97 -12.90 11.16
C GLY C 25 25.93 -14.42 11.17
N LYS C 26 24.76 -15.05 11.30
CA LYS C 26 24.70 -16.50 11.31
C LYS C 26 23.72 -17.01 10.25
N GLU C 27 24.05 -18.17 9.68
CA GLU C 27 23.30 -18.75 8.59
C GLU C 27 22.32 -19.80 9.11
N TYR C 28 21.11 -19.79 8.58
CA TYR C 28 20.06 -20.73 8.96
C TYR C 28 19.34 -21.19 7.70
N TRP C 29 19.00 -22.47 7.63
CA TRP C 29 18.28 -23.02 6.50
C TRP C 29 16.90 -23.49 6.96
N THR C 30 15.95 -23.42 6.03
CA THR C 30 14.62 -23.95 6.29
C THR C 30 14.18 -24.78 5.09
N SER C 31 13.46 -25.87 5.37
CA SER C 31 12.82 -26.66 4.33
C SER C 31 11.36 -26.29 4.16
N ARG C 32 10.88 -25.29 4.86
CA ARG C 32 9.51 -24.82 4.68
C ARG C 32 9.43 -24.05 3.36
N TRP C 33 8.88 -24.69 2.32
CA TRP C 33 8.76 -24.11 0.99
C TRP C 33 8.17 -22.71 1.02
N ASN C 34 7.07 -22.55 1.75
CA ASN C 34 6.35 -21.27 1.74
C ASN C 34 7.16 -20.13 2.30
N LEU C 35 8.21 -20.40 3.09
CA LEU C 35 8.99 -19.29 3.58
C LEU C 35 9.85 -18.66 2.51
N GLN C 36 10.08 -19.31 1.37
CA GLN C 36 11.08 -18.78 0.45
C GLN C 36 10.73 -17.38 -0.03
N PRO C 37 9.56 -17.13 -0.65
CA PRO C 37 9.29 -15.77 -1.12
C PRO C 37 9.09 -14.80 0.05
N LEU C 38 8.45 -15.25 1.13
CA LEU C 38 8.24 -14.39 2.29
C LEU C 38 9.57 -13.86 2.81
N LEU C 39 10.57 -14.73 2.92
CA LEU C 39 11.88 -14.29 3.39
C LEU C 39 12.53 -13.36 2.37
N GLN C 40 12.42 -13.68 1.07
CA GLN C 40 13.10 -12.81 0.10
C GLN C 40 12.50 -11.41 0.10
N SER C 41 11.18 -11.31 0.20
N SER C 41 11.17 -11.30 0.17
CA SER C 41 10.56 -10.00 0.29
CA SER C 41 10.56 -9.98 0.29
C SER C 41 11.01 -9.27 1.56
C SER C 41 11.02 -9.27 1.56
N ALA C 42 11.07 -9.98 2.69
CA ALA C 42 11.57 -9.33 3.90
C ALA C 42 12.96 -8.79 3.64
N GLN C 43 13.77 -9.60 2.95
CA GLN C 43 15.13 -9.22 2.63
C GLN C 43 15.14 -7.96 1.78
N LEU C 44 14.27 -7.89 0.77
CA LEU C 44 14.43 -6.77 -0.14
C LEU C 44 13.96 -5.48 0.51
N THR C 45 13.12 -5.56 1.53
CA THR C 45 12.64 -4.33 2.13
C THR C 45 13.35 -4.02 3.44
N GLY C 46 14.29 -4.88 3.83
CA GLY C 46 15.04 -4.71 5.06
C GLY C 46 14.22 -4.97 6.29
N MET C 47 13.31 -5.93 6.23
CA MET C 47 12.40 -6.14 7.33
C MET C 47 13.09 -7.08 8.32
N THR C 48 13.01 -6.74 9.60
CA THR C 48 13.64 -7.53 10.65
C THR C 48 12.91 -8.86 10.80
N VAL C 49 13.67 -9.95 10.86
CA VAL C 49 13.11 -11.25 11.14
C VAL C 49 13.75 -11.80 12.42
N THR C 50 13.01 -12.70 13.09
CA THR C 50 13.52 -13.43 14.25
C THR C 50 13.49 -14.91 13.90
N ILE C 51 14.67 -15.48 13.73
CA ILE C 51 14.82 -16.92 13.49
C ILE C 51 14.67 -17.66 14.81
N LYS C 52 13.81 -18.67 14.83
CA LYS C 52 13.58 -19.43 16.06
C LYS C 52 13.95 -20.87 15.81
N SER C 53 14.79 -21.43 16.67
CA SER C 53 15.25 -22.81 16.44
C SER C 53 15.74 -23.42 17.75
N SER C 54 15.89 -24.75 17.71
CA SER C 54 16.45 -25.53 18.82
C SER C 54 17.93 -25.23 19.03
N THR C 55 18.65 -24.94 17.96
CA THR C 55 20.07 -24.65 18.02
C THR C 55 20.32 -23.37 17.25
N CYS C 56 21.23 -22.55 17.75
CA CYS C 56 21.40 -21.22 17.18
C CYS C 56 22.72 -21.04 16.45
N GLU C 57 23.61 -22.04 16.50
CA GLU C 57 24.86 -21.97 15.77
C GLU C 57 24.61 -21.76 14.28
N SER C 58 25.52 -21.06 13.62
CA SER C 58 25.44 -20.94 12.17
C SER C 58 25.39 -22.34 11.56
N GLY C 59 24.52 -22.50 10.56
CA GLY C 59 24.30 -23.80 9.96
C GLY C 59 23.13 -24.57 10.52
N SER C 60 22.43 -24.02 11.50
CA SER C 60 21.28 -24.65 12.12
C SER C 60 20.04 -24.51 11.22
N GLY C 61 19.08 -25.42 11.42
CA GLY C 61 17.82 -25.39 10.68
C GLY C 61 16.75 -24.66 11.46
N PHE C 62 15.76 -24.12 10.75
CA PHE C 62 14.63 -23.52 11.42
C PHE C 62 13.36 -23.82 10.64
N ALA C 63 12.26 -23.88 11.38
CA ALA C 63 10.92 -24.03 10.81
C ALA C 63 9.99 -22.97 11.36
N GLU C 64 10.53 -21.99 12.09
CA GLU C 64 9.76 -20.94 12.73
C GLU C 64 10.48 -19.63 12.53
N VAL C 65 9.75 -18.60 12.13
CA VAL C 65 10.34 -17.28 11.96
C VAL C 65 9.25 -16.23 12.11
N GLN C 66 9.61 -15.14 12.80
CA GLN C 66 8.71 -14.02 13.04
C GLN C 66 9.16 -12.82 12.20
N PHE C 67 8.20 -12.19 11.53
CA PHE C 67 8.44 -11.01 10.70
C PHE C 67 8.00 -9.80 11.47
N ASN C 68 8.95 -8.96 11.86
CA ASN C 68 8.71 -7.80 12.72
C ASN C 68 8.66 -6.50 11.91
N ASN C 69 8.17 -5.46 12.57
CA ASN C 69 8.05 -4.14 11.96
C ASN C 69 9.13 -3.16 12.43
N ASP C 70 10.14 -3.62 13.16
CA ASP C 70 11.23 -2.75 13.63
C ASP C 70 11.85 -2.00 12.45
N ALA D 1 -17.43 -13.68 14.86
CA ALA D 1 -17.36 -12.33 15.41
C ALA D 1 -16.21 -11.52 14.78
N ASP D 2 -16.36 -10.20 14.72
CA ASP D 2 -15.27 -9.34 14.26
C ASP D 2 -14.30 -9.20 15.42
N CYS D 3 -13.25 -10.01 15.40
CA CYS D 3 -12.35 -10.13 16.54
C CYS D 3 -11.38 -8.98 16.62
N ALA D 4 -10.84 -8.58 15.48
CA ALA D 4 -9.81 -7.55 15.57
C ALA D 4 -9.71 -6.83 14.24
N LYS D 5 -9.46 -5.53 14.31
CA LYS D 5 -9.34 -4.73 13.11
C LYS D 5 -8.15 -3.80 13.35
N GLY D 6 -7.14 -3.91 12.51
CA GLY D 6 -5.97 -3.06 12.69
C GLY D 6 -4.85 -3.51 11.76
N LYS D 7 -3.69 -2.92 11.97
CA LYS D 7 -2.53 -3.28 11.19
C LYS D 7 -1.86 -4.52 11.78
N ILE D 8 -1.21 -5.28 10.92
CA ILE D 8 -0.50 -6.46 11.40
C ILE D 8 0.78 -5.99 12.06
N GLU D 9 0.88 -6.23 13.37
CA GLU D 9 2.02 -5.81 14.17
C GLU D 9 3.20 -6.74 13.99
N PHE D 10 2.95 -8.04 13.91
CA PHE D 10 3.92 -9.01 13.44
C PHE D 10 3.20 -10.20 12.83
N SER D 11 3.95 -11.00 12.09
CA SER D 11 3.46 -12.28 11.61
C SER D 11 4.53 -13.32 11.91
N LYS D 12 4.10 -14.56 12.01
CA LYS D 12 5.00 -15.64 12.39
C LYS D 12 4.59 -16.90 11.64
N TYR D 13 5.56 -17.57 11.05
CA TYR D 13 5.34 -18.89 10.46
C TYR D 13 5.60 -19.92 11.56
N ASN D 14 4.60 -20.75 11.85
CA ASN D 14 4.66 -21.61 13.01
C ASN D 14 5.17 -23.02 12.64
N GLU D 15 5.63 -23.75 13.65
CA GLU D 15 6.13 -25.11 13.44
C GLU D 15 5.11 -26.02 12.75
N ASP D 16 3.84 -25.88 13.11
CA ASP D 16 2.81 -26.70 12.48
C ASP D 16 2.36 -26.16 11.14
N ASP D 17 3.11 -25.22 10.57
CA ASP D 17 2.89 -24.61 9.26
C ASP D 17 1.70 -23.67 9.24
N THR D 18 1.04 -23.43 10.37
CA THR D 18 0.07 -22.34 10.39
C THR D 18 0.80 -21.00 10.45
N PHE D 19 0.03 -19.93 10.33
CA PHE D 19 0.56 -18.58 10.18
C PHE D 19 -0.16 -17.71 11.19
N THR D 20 0.59 -17.00 12.02
CA THR D 20 0.02 -16.18 13.08
C THR D 20 0.24 -14.71 12.76
N VAL D 21 -0.78 -13.88 12.99
CA VAL D 21 -0.65 -12.44 12.91
C VAL D 21 -1.08 -11.86 14.24
N LYS D 22 -0.44 -10.74 14.62
CA LYS D 22 -0.87 -9.95 15.78
C LYS D 22 -1.61 -8.72 15.28
N VAL D 23 -2.87 -8.60 15.69
CA VAL D 23 -3.72 -7.48 15.29
C VAL D 23 -4.38 -6.96 16.56
N ASP D 24 -4.29 -5.66 16.78
CA ASP D 24 -4.90 -5.00 17.94
C ASP D 24 -4.56 -5.71 19.25
N GLY D 25 -3.28 -6.03 19.42
CA GLY D 25 -2.77 -6.60 20.65
C GLY D 25 -3.06 -8.07 20.87
N LYS D 26 -3.72 -8.74 19.92
CA LYS D 26 -4.12 -10.13 20.08
C LYS D 26 -3.56 -10.96 18.93
N GLU D 27 -3.17 -12.20 19.22
CA GLU D 27 -2.59 -13.09 18.23
C GLU D 27 -3.64 -14.04 17.69
N TYR D 28 -3.65 -14.21 16.37
CA TYR D 28 -4.56 -15.15 15.71
C TYR D 28 -3.79 -15.99 14.71
N TRP D 29 -4.13 -17.26 14.61
CA TRP D 29 -3.45 -18.15 13.67
C TRP D 29 -4.43 -18.64 12.62
N THR D 30 -3.90 -18.99 11.45
CA THR D 30 -4.71 -19.56 10.39
C THR D 30 -3.93 -20.70 9.75
N SER D 31 -4.64 -21.77 9.41
CA SER D 31 -4.05 -22.86 8.66
C SER D 31 -4.31 -22.73 7.16
N ARG D 32 -5.02 -21.68 6.74
CA ARG D 32 -5.36 -21.50 5.32
C ARG D 32 -4.10 -21.09 4.56
N TRP D 33 -3.61 -22.00 3.71
CA TRP D 33 -2.36 -21.76 3.01
C TRP D 33 -2.42 -20.52 2.13
N ASN D 34 -3.58 -20.30 1.48
CA ASN D 34 -3.74 -19.16 0.58
C ASN D 34 -3.46 -17.85 1.28
N LEU D 35 -3.64 -17.80 2.60
CA LEU D 35 -3.57 -16.53 3.32
C LEU D 35 -2.14 -16.09 3.63
N GLN D 36 -1.15 -16.99 3.51
CA GLN D 36 0.17 -16.60 4.02
C GLN D 36 0.79 -15.43 3.25
N PRO D 37 0.90 -15.44 1.91
CA PRO D 37 1.45 -14.24 1.25
C PRO D 37 0.51 -13.05 1.36
N LEU D 38 -0.80 -13.31 1.33
CA LEU D 38 -1.75 -12.21 1.45
C LEU D 38 -1.52 -11.45 2.75
N LEU D 39 -1.47 -12.18 3.86
CA LEU D 39 -1.22 -11.56 5.16
C LEU D 39 0.11 -10.83 5.16
N GLN D 40 1.16 -11.44 4.60
CA GLN D 40 2.41 -10.72 4.62
C GLN D 40 2.33 -9.45 3.78
N SER D 41 1.61 -9.52 2.66
CA SER D 41 1.47 -8.31 1.85
C SER D 41 0.75 -7.23 2.65
N ALA D 42 -0.28 -7.63 3.41
CA ALA D 42 -0.99 -6.66 4.24
C ALA D 42 -0.06 -6.07 5.28
N GLN D 43 0.82 -6.90 5.84
CA GLN D 43 1.74 -6.37 6.85
C GLN D 43 2.71 -5.39 6.21
N LEU D 44 3.14 -5.69 4.97
CA LEU D 44 4.17 -4.88 4.34
C LEU D 44 3.64 -3.51 3.97
N THR D 45 2.36 -3.44 3.61
CA THR D 45 1.75 -2.21 3.16
C THR D 45 0.87 -1.58 4.23
N GLY D 46 0.95 -2.06 5.47
CA GLY D 46 0.17 -1.48 6.56
C GLY D 46 -1.31 -1.50 6.32
N MET D 47 -1.82 -2.52 5.62
CA MET D 47 -3.26 -2.65 5.46
C MET D 47 -3.96 -2.76 6.81
N THR D 48 -5.19 -2.30 6.86
CA THR D 48 -6.05 -2.60 7.98
C THR D 48 -6.72 -3.93 7.70
N VAL D 49 -6.45 -4.93 8.51
CA VAL D 49 -7.06 -6.24 8.33
C VAL D 49 -8.08 -6.45 9.44
N THR D 50 -9.19 -7.08 9.09
CA THR D 50 -10.22 -7.48 10.04
C THR D 50 -10.21 -9.00 10.16
N ILE D 51 -9.85 -9.49 11.34
CA ILE D 51 -9.91 -10.91 11.69
C ILE D 51 -11.32 -11.21 12.18
N LYS D 52 -11.97 -12.17 11.52
CA LYS D 52 -13.29 -12.63 11.88
C LYS D 52 -13.18 -14.07 12.38
N SER D 53 -13.71 -14.33 13.57
CA SER D 53 -13.69 -15.70 14.09
C SER D 53 -14.81 -15.92 15.09
N SER D 54 -15.09 -17.20 15.35
CA SER D 54 -16.12 -17.56 16.31
C SER D 54 -15.67 -17.35 17.75
N THR D 55 -14.36 -17.29 18.00
CA THR D 55 -13.80 -16.85 19.27
C THR D 55 -12.73 -15.80 19.01
N CYS D 56 -12.65 -14.80 19.88
CA CYS D 56 -11.77 -13.66 19.67
C CYS D 56 -10.66 -13.56 20.70
N GLU D 57 -10.57 -14.49 21.64
CA GLU D 57 -9.46 -14.49 22.59
C GLU D 57 -8.16 -14.66 21.83
N SER D 58 -7.10 -14.04 22.36
CA SER D 58 -5.78 -14.24 21.77
C SER D 58 -5.45 -15.73 21.73
N GLY D 59 -4.92 -16.17 20.60
CA GLY D 59 -4.63 -17.58 20.36
C GLY D 59 -5.75 -18.33 19.66
N SER D 60 -6.83 -17.63 19.29
CA SER D 60 -7.89 -18.19 18.48
C SER D 60 -7.44 -18.36 17.04
N GLY D 61 -8.03 -19.34 16.37
CA GLY D 61 -7.81 -19.49 14.94
C GLY D 61 -8.80 -18.71 14.11
N PHE D 62 -8.48 -18.55 12.83
CA PHE D 62 -9.40 -17.87 11.93
C PHE D 62 -9.19 -18.38 10.51
N ALA D 63 -10.22 -18.26 9.72
CA ALA D 63 -10.15 -18.60 8.31
C ALA D 63 -10.81 -17.52 7.46
N GLU D 64 -11.14 -16.38 8.07
CA GLU D 64 -11.84 -15.28 7.42
C GLU D 64 -11.17 -13.98 7.83
N VAL D 65 -10.79 -13.20 6.82
CA VAL D 65 -10.07 -11.95 7.05
C VAL D 65 -10.39 -10.99 5.92
N GLN D 66 -10.63 -9.74 6.27
CA GLN D 66 -10.85 -8.70 5.27
C GLN D 66 -9.63 -7.79 5.19
N PHE D 67 -9.25 -7.43 3.96
CA PHE D 67 -8.10 -6.55 3.71
C PHE D 67 -8.64 -5.20 3.26
N ASN D 68 -8.46 -4.18 4.08
CA ASN D 68 -8.93 -2.84 3.78
C ASN D 68 -7.75 -1.91 3.55
N ASN D 69 -7.98 -0.95 2.63
CA ASN D 69 -7.07 0.16 2.31
C ASN D 69 -7.19 1.30 3.29
N ASP D 70 -8.35 1.47 3.93
CA ASP D 70 -8.49 2.49 4.95
C ASP D 70 -7.79 1.97 6.19
N ALA E 1 -19.49 -10.04 -20.26
CA ALA E 1 -20.01 -8.72 -19.90
C ALA E 1 -19.17 -8.06 -18.80
N ASP E 2 -18.95 -6.76 -18.90
CA ASP E 2 -18.19 -6.03 -17.89
C ASP E 2 -19.09 -5.72 -16.70
N CYS E 3 -18.81 -6.35 -15.56
CA CYS E 3 -19.62 -6.24 -14.36
C CYS E 3 -19.28 -5.00 -13.54
N ALA E 4 -18.00 -4.71 -13.39
CA ALA E 4 -17.54 -3.58 -12.61
C ALA E 4 -16.14 -3.21 -13.08
N LYS E 5 -15.85 -1.91 -13.15
CA LYS E 5 -14.53 -1.42 -13.51
C LYS E 5 -14.10 -0.40 -12.47
N GLY E 6 -12.93 -0.60 -11.89
CA GLY E 6 -12.43 0.35 -10.92
C GLY E 6 -11.29 -0.26 -10.13
N LYS E 7 -10.81 0.50 -9.15
CA LYS E 7 -9.85 -0.02 -8.20
C LYS E 7 -10.55 -0.87 -7.15
N ILE E 8 -9.82 -1.83 -6.59
CA ILE E 8 -10.42 -2.74 -5.63
C ILE E 8 -10.53 -2.01 -4.30
N GLU E 9 -11.77 -1.86 -3.82
CA GLU E 9 -11.96 -1.11 -2.58
C GLU E 9 -11.52 -1.92 -1.37
N PHE E 10 -11.95 -3.18 -1.31
CA PHE E 10 -11.38 -4.12 -0.36
C PHE E 10 -11.48 -5.51 -0.96
N SER E 11 -10.77 -6.44 -0.32
CA SER E 11 -10.89 -7.86 -0.61
C SER E 11 -11.06 -8.59 0.71
N LYS E 12 -11.57 -9.82 0.64
CA LYS E 12 -11.85 -10.58 1.84
C LYS E 12 -11.90 -12.05 1.50
N TYR E 13 -11.25 -12.87 2.30
CA TYR E 13 -11.33 -14.32 2.17
C TYR E 13 -12.32 -14.84 3.21
N ASN E 14 -13.27 -15.65 2.76
CA ASN E 14 -14.36 -16.12 3.62
C ASN E 14 -14.13 -17.56 4.06
N GLU E 15 -14.74 -17.93 5.19
CA GLU E 15 -14.55 -19.29 5.70
C GLU E 15 -14.96 -20.35 4.69
N ASP E 16 -15.94 -20.06 3.83
CA ASP E 16 -16.38 -21.01 2.82
C ASP E 16 -15.49 -21.05 1.58
N ASP E 17 -14.24 -20.58 1.68
CA ASP E 17 -13.29 -20.68 0.57
C ASP E 17 -13.76 -19.90 -0.66
N THR E 18 -14.26 -18.69 -0.45
CA THR E 18 -14.49 -17.75 -1.53
C THR E 18 -13.71 -16.48 -1.22
N PHE E 19 -13.42 -15.71 -2.27
CA PHE E 19 -12.59 -14.51 -2.17
C PHE E 19 -13.38 -13.39 -2.81
N THR E 20 -13.81 -12.44 -1.99
CA THR E 20 -14.65 -11.32 -2.40
C THR E 20 -13.79 -10.11 -2.68
N VAL E 21 -14.06 -9.44 -3.79
CA VAL E 21 -13.55 -8.09 -4.00
C VAL E 21 -14.73 -7.15 -4.17
N LYS E 22 -14.53 -5.91 -3.72
CA LYS E 22 -15.47 -4.82 -3.95
C LYS E 22 -14.88 -3.86 -4.98
N VAL E 23 -15.59 -3.69 -6.09
CA VAL E 23 -15.15 -2.83 -7.19
C VAL E 23 -16.33 -1.95 -7.60
N ASP E 24 -16.10 -0.64 -7.62
CA ASP E 24 -17.12 0.34 -8.01
C ASP E 24 -18.43 0.09 -7.26
N GLY E 25 -18.32 -0.08 -5.95
CA GLY E 25 -19.47 -0.27 -5.08
C GLY E 25 -20.13 -1.63 -5.13
N LYS E 26 -19.72 -2.54 -6.01
CA LYS E 26 -20.37 -3.84 -6.12
C LYS E 26 -19.41 -4.96 -5.73
N GLU E 27 -19.93 -5.99 -5.06
CA GLU E 27 -19.10 -7.08 -4.59
C GLU E 27 -19.26 -8.31 -5.47
N TYR E 28 -18.13 -9.00 -5.71
CA TYR E 28 -18.13 -10.26 -6.45
C TYR E 28 -17.12 -11.18 -5.79
N TRP E 29 -17.27 -12.48 -6.05
CA TRP E 29 -16.41 -13.45 -5.40
C TRP E 29 -15.88 -14.44 -6.44
N THR E 30 -14.72 -15.00 -6.12
CA THR E 30 -14.11 -16.06 -6.92
C THR E 30 -13.52 -17.08 -5.97
N SER E 31 -13.58 -18.34 -6.36
CA SER E 31 -12.92 -19.39 -5.59
C SER E 31 -11.65 -19.86 -6.29
N ARG E 32 -11.25 -19.20 -7.37
CA ARG E 32 -9.97 -19.45 -8.02
C ARG E 32 -8.86 -18.91 -7.14
N TRP E 33 -8.09 -19.81 -6.53
CA TRP E 33 -6.94 -19.37 -5.74
C TRP E 33 -5.95 -18.60 -6.59
N ASN E 34 -5.81 -18.97 -7.87
CA ASN E 34 -4.97 -18.23 -8.80
C ASN E 34 -5.22 -16.74 -8.69
N LEU E 35 -6.48 -16.37 -8.52
CA LEU E 35 -6.85 -14.96 -8.58
C LEU E 35 -6.59 -14.22 -7.27
N GLN E 36 -6.32 -14.93 -6.15
CA GLN E 36 -6.15 -14.21 -4.88
C GLN E 36 -4.91 -13.33 -4.88
N PRO E 37 -3.70 -13.82 -5.19
CA PRO E 37 -2.56 -12.91 -5.26
C PRO E 37 -2.71 -11.86 -6.36
N LEU E 38 -3.17 -12.26 -7.55
CA LEU E 38 -3.38 -11.31 -8.65
C LEU E 38 -4.28 -10.16 -8.20
N LEU E 39 -5.42 -10.50 -7.58
CA LEU E 39 -6.32 -9.46 -7.14
C LEU E 39 -5.72 -8.64 -6.00
N GLN E 40 -5.06 -9.29 -5.05
CA GLN E 40 -4.57 -8.50 -3.92
C GLN E 40 -3.48 -7.55 -4.38
N SER E 41 -2.56 -8.03 -5.23
CA SER E 41 -1.60 -7.12 -5.83
C SER E 41 -2.30 -6.01 -6.57
N ALA E 42 -3.34 -6.34 -7.34
CA ALA E 42 -4.08 -5.29 -8.02
C ALA E 42 -4.65 -4.30 -7.02
N GLN E 43 -5.10 -4.80 -5.87
CA GLN E 43 -5.64 -3.91 -4.85
C GLN E 43 -4.54 -3.01 -4.28
N LEU E 44 -3.37 -3.59 -3.96
CA LEU E 44 -2.42 -2.80 -3.19
C LEU E 44 -1.64 -1.84 -4.06
N THR E 45 -1.65 -2.07 -5.37
CA THR E 45 -0.98 -1.22 -6.32
C THR E 45 -1.93 -0.25 -7.02
N GLY E 46 -3.24 -0.33 -6.76
CA GLY E 46 -4.16 0.58 -7.40
C GLY E 46 -4.39 0.34 -8.88
N MET E 47 -4.23 -0.89 -9.33
CA MET E 47 -4.66 -1.29 -10.65
C MET E 47 -6.15 -1.06 -10.85
N THR E 48 -6.52 -0.70 -12.07
CA THR E 48 -7.91 -0.73 -12.51
C THR E 48 -8.27 -2.13 -12.97
N VAL E 49 -9.21 -2.77 -12.27
CA VAL E 49 -9.65 -4.11 -12.65
C VAL E 49 -11.03 -4.02 -13.30
N THR E 50 -11.27 -4.94 -14.23
CA THR E 50 -12.55 -5.07 -14.90
C THR E 50 -13.04 -6.49 -14.67
N ILE E 51 -14.06 -6.62 -13.81
CA ILE E 51 -14.69 -7.91 -13.53
C ILE E 51 -15.59 -8.27 -14.70
N LYS E 52 -15.37 -9.43 -15.30
CA LYS E 52 -16.14 -9.87 -16.45
C LYS E 52 -16.86 -11.16 -16.10
N SER E 53 -18.10 -11.24 -16.56
CA SER E 53 -18.93 -12.41 -16.30
C SER E 53 -20.04 -12.40 -17.33
N SER E 54 -20.54 -13.58 -17.68
CA SER E 54 -21.73 -13.63 -18.52
C SER E 54 -22.94 -13.07 -17.79
N THR E 55 -23.00 -13.29 -16.48
CA THR E 55 -24.06 -12.76 -15.62
C THR E 55 -23.41 -11.87 -14.58
N CYS E 56 -23.80 -10.59 -14.56
CA CYS E 56 -23.13 -9.55 -13.78
C CYS E 56 -23.96 -9.09 -12.58
N GLU E 57 -24.94 -9.88 -12.15
CA GLU E 57 -25.75 -9.49 -11.01
C GLU E 57 -24.90 -9.41 -9.75
N SER E 58 -25.50 -8.84 -8.71
CA SER E 58 -24.75 -8.58 -7.49
C SER E 58 -24.46 -9.90 -6.77
N GLY E 59 -23.35 -9.90 -6.01
CA GLY E 59 -22.96 -11.06 -5.23
C GLY E 59 -22.62 -12.31 -5.99
N SER E 60 -22.52 -12.25 -7.32
CA SER E 60 -22.29 -13.41 -8.17
C SER E 60 -20.80 -13.69 -8.31
N GLY E 61 -20.50 -14.91 -8.76
CA GLY E 61 -19.12 -15.31 -8.91
C GLY E 61 -18.52 -14.81 -10.20
N PHE E 62 -17.19 -14.88 -10.27
CA PHE E 62 -16.49 -14.51 -11.50
C PHE E 62 -15.20 -15.32 -11.56
N ALA E 63 -14.72 -15.51 -12.79
CA ALA E 63 -13.39 -16.06 -13.00
C ALA E 63 -12.74 -15.43 -14.22
N GLU E 64 -13.18 -14.24 -14.61
CA GLU E 64 -12.54 -13.47 -15.66
C GLU E 64 -12.39 -12.05 -15.16
N VAL E 65 -11.18 -11.52 -15.24
CA VAL E 65 -10.92 -10.17 -14.76
C VAL E 65 -9.72 -9.62 -15.53
N GLN E 66 -9.87 -8.40 -16.01
CA GLN E 66 -8.79 -7.69 -16.70
C GLN E 66 -8.09 -6.78 -15.71
N PHE E 67 -6.78 -6.65 -15.87
CA PHE E 67 -5.93 -5.82 -15.02
C PHE E 67 -5.30 -4.75 -15.89
N ASN E 68 -5.46 -3.48 -15.50
CA ASN E 68 -4.85 -2.35 -16.17
C ASN E 68 -4.11 -1.49 -15.17
N ASN E 69 -2.92 -1.01 -15.56
CA ASN E 69 -2.19 -0.12 -14.68
C ASN E 69 -2.98 1.15 -14.41
N ASP E 70 -3.64 1.69 -15.43
CA ASP E 70 -4.55 2.83 -15.25
C ASP E 70 -5.89 2.55 -15.91
N ALA F 1 9.44 -18.02 -32.56
CA ALA F 1 9.76 -16.70 -33.09
C ALA F 1 9.37 -15.62 -32.10
N ASP F 2 9.96 -14.43 -32.22
CA ASP F 2 9.58 -13.30 -31.38
C ASP F 2 8.27 -12.74 -31.93
N CYS F 3 7.16 -13.02 -31.26
CA CYS F 3 5.85 -12.56 -31.72
C CYS F 3 5.61 -11.09 -31.44
N ALA F 4 6.17 -10.57 -30.36
CA ALA F 4 5.80 -9.25 -29.86
C ALA F 4 6.80 -8.87 -28.80
N LYS F 5 7.18 -7.60 -28.78
CA LYS F 5 8.07 -7.09 -27.78
C LYS F 5 7.56 -5.73 -27.34
N GLY F 6 7.52 -5.53 -26.03
CA GLY F 6 7.10 -4.25 -25.49
C GLY F 6 6.52 -4.43 -24.10
N LYS F 7 5.89 -3.36 -23.61
CA LYS F 7 5.30 -3.42 -22.29
C LYS F 7 3.93 -4.07 -22.39
N ILE F 8 3.51 -4.72 -21.30
CA ILE F 8 2.18 -5.32 -21.23
C ILE F 8 1.14 -4.21 -21.13
N GLU F 9 0.23 -4.14 -22.10
CA GLU F 9 -0.75 -3.07 -22.05
C GLU F 9 -1.95 -3.41 -21.16
N PHE F 10 -2.39 -4.67 -21.17
CA PHE F 10 -3.24 -5.19 -20.13
C PHE F 10 -2.95 -6.67 -19.95
N SER F 11 -3.40 -7.21 -18.83
CA SER F 11 -3.43 -8.65 -18.60
C SER F 11 -4.85 -9.02 -18.22
N LYS F 12 -5.15 -10.31 -18.31
CA LYS F 12 -6.52 -10.73 -18.05
C LYS F 12 -6.54 -12.20 -17.64
N TYR F 13 -7.11 -12.48 -16.47
CA TYR F 13 -7.38 -13.85 -16.09
C TYR F 13 -8.64 -14.32 -16.80
N ASN F 14 -8.60 -15.52 -17.38
CA ASN F 14 -9.71 -16.07 -18.17
C ASN F 14 -10.40 -17.20 -17.43
N GLU F 15 -11.69 -17.42 -17.74
CA GLU F 15 -12.46 -18.39 -16.96
C GLU F 15 -11.98 -19.82 -17.16
N ASP F 16 -11.23 -20.12 -18.22
CA ASP F 16 -10.61 -21.43 -18.36
C ASP F 16 -9.26 -21.51 -17.63
N ASP F 17 -8.95 -20.54 -16.77
CA ASP F 17 -7.70 -20.47 -16.02
C ASP F 17 -6.49 -20.21 -16.90
N THR F 18 -6.68 -19.79 -18.15
CA THR F 18 -5.57 -19.27 -18.90
C THR F 18 -5.45 -17.77 -18.61
N PHE F 19 -4.43 -17.16 -19.20
CA PHE F 19 -4.05 -15.79 -18.85
C PHE F 19 -3.60 -15.10 -20.12
N THR F 20 -4.18 -13.94 -20.40
CA THR F 20 -3.92 -13.20 -21.63
C THR F 20 -3.14 -11.93 -21.32
N VAL F 21 -2.17 -11.60 -22.18
CA VAL F 21 -1.50 -10.31 -22.11
C VAL F 21 -1.56 -9.67 -23.49
N LYS F 22 -1.64 -8.34 -23.51
CA LYS F 22 -1.58 -7.57 -24.74
C LYS F 22 -0.24 -6.87 -24.81
N VAL F 23 0.51 -7.15 -25.86
CA VAL F 23 1.86 -6.64 -25.99
C VAL F 23 1.98 -6.13 -27.42
N ASP F 24 2.32 -4.86 -27.58
CA ASP F 24 2.49 -4.24 -28.91
C ASP F 24 1.27 -4.43 -29.79
N GLY F 25 0.09 -4.25 -29.20
CA GLY F 25 -1.15 -4.33 -29.94
C GLY F 25 -1.66 -5.73 -30.19
N LYS F 26 -0.94 -6.75 -29.76
CA LYS F 26 -1.34 -8.12 -30.05
C LYS F 26 -1.66 -8.84 -28.74
N GLU F 27 -2.66 -9.70 -28.75
CA GLU F 27 -3.06 -10.46 -27.58
C GLU F 27 -2.56 -11.89 -27.68
N TYR F 28 -2.02 -12.39 -26.57
CA TYR F 28 -1.63 -13.79 -26.50
C TYR F 28 -2.07 -14.36 -25.16
N TRP F 29 -2.33 -15.67 -25.13
CA TRP F 29 -2.75 -16.32 -23.90
C TRP F 29 -1.81 -17.48 -23.58
N THR F 30 -1.75 -17.82 -22.29
CA THR F 30 -0.92 -18.92 -21.83
C THR F 30 -1.71 -19.72 -20.82
N SER F 31 -1.53 -21.04 -20.86
CA SER F 31 -2.09 -21.91 -19.84
C SER F 31 -1.06 -22.26 -18.76
N ARG F 32 0.12 -21.65 -18.81
CA ARG F 32 1.12 -21.88 -17.76
C ARG F 32 0.78 -21.01 -16.56
N TRP F 33 0.23 -21.62 -15.50
CA TRP F 33 -0.18 -20.81 -14.34
C TRP F 33 0.98 -20.06 -13.73
N ASN F 34 2.19 -20.64 -13.77
CA ASN F 34 3.35 -19.97 -13.20
C ASN F 34 3.59 -18.60 -13.84
N LEU F 35 3.19 -18.40 -15.09
CA LEU F 35 3.36 -17.08 -15.70
C LEU F 35 2.40 -16.02 -15.17
N GLN F 36 1.29 -16.38 -14.52
CA GLN F 36 0.32 -15.34 -14.17
C GLN F 36 0.91 -14.26 -13.27
N PRO F 37 1.46 -14.56 -12.08
CA PRO F 37 2.03 -13.47 -11.26
C PRO F 37 3.29 -12.87 -11.87
N LEU F 38 4.12 -13.65 -12.56
CA LEU F 38 5.32 -13.10 -13.18
C LEU F 38 4.94 -12.02 -14.19
N LEU F 39 3.96 -12.33 -15.04
CA LEU F 39 3.51 -11.35 -16.02
C LEU F 39 2.90 -10.15 -15.31
N GLN F 40 2.17 -10.39 -14.21
CA GLN F 40 1.61 -9.24 -13.50
C GLN F 40 2.72 -8.38 -12.95
N SER F 41 3.76 -9.00 -12.37
CA SER F 41 4.87 -8.20 -11.87
C SER F 41 5.47 -7.41 -13.00
N ALA F 42 5.65 -8.06 -14.16
CA ALA F 42 6.20 -7.38 -15.31
C ALA F 42 5.31 -6.19 -15.68
N GLN F 43 4.00 -6.44 -15.81
CA GLN F 43 3.06 -5.37 -16.05
C GLN F 43 3.23 -4.22 -15.08
N LEU F 44 3.26 -4.54 -13.78
CA LEU F 44 3.27 -3.50 -12.77
C LEU F 44 4.53 -2.65 -12.86
N THR F 45 5.65 -3.26 -13.24
CA THR F 45 6.94 -2.58 -13.17
C THR F 45 7.39 -2.06 -14.53
N GLY F 46 6.53 -2.16 -15.55
CA GLY F 46 6.89 -1.70 -16.88
C GLY F 46 8.06 -2.43 -17.51
N MET F 47 8.18 -3.74 -17.26
CA MET F 47 9.18 -4.51 -17.99
C MET F 47 8.82 -4.67 -19.46
N THR F 48 9.87 -4.74 -20.29
CA THR F 48 9.73 -5.13 -21.68
C THR F 48 9.71 -6.65 -21.78
N VAL F 49 8.60 -7.20 -22.25
CA VAL F 49 8.50 -8.64 -22.42
C VAL F 49 8.53 -8.97 -23.92
N THR F 50 9.07 -10.13 -24.22
CA THR F 50 9.15 -10.65 -25.58
C THR F 50 8.39 -11.97 -25.59
N ILE F 51 7.23 -11.97 -26.23
CA ILE F 51 6.42 -13.17 -26.41
C ILE F 51 7.07 -14.02 -27.49
N LYS F 52 7.35 -15.28 -27.19
CA LYS F 52 7.95 -16.18 -28.17
C LYS F 52 7.01 -17.36 -28.38
N SER F 53 6.75 -17.70 -29.65
CA SER F 53 5.81 -18.76 -30.00
C SER F 53 6.06 -19.18 -31.45
N SER F 54 5.61 -20.41 -31.77
CA SER F 54 5.63 -20.90 -33.14
C SER F 54 4.54 -20.27 -33.99
N THR F 55 3.52 -19.68 -33.38
CA THR F 55 2.48 -18.96 -34.09
C THR F 55 2.32 -17.60 -33.44
N CYS F 56 2.52 -16.54 -34.21
CA CYS F 56 2.53 -15.19 -33.67
C CYS F 56 1.29 -14.38 -34.02
N GLU F 57 0.29 -15.00 -34.65
CA GLU F 57 -0.97 -14.31 -34.91
C GLU F 57 -1.63 -13.95 -33.59
N SER F 58 -2.27 -12.78 -33.55
CA SER F 58 -2.96 -12.35 -32.35
C SER F 58 -3.99 -13.38 -31.90
N GLY F 59 -4.18 -13.47 -30.59
CA GLY F 59 -5.08 -14.47 -30.03
C GLY F 59 -4.52 -15.87 -29.97
N SER F 60 -3.25 -16.05 -30.32
CA SER F 60 -2.63 -17.37 -30.25
C SER F 60 -2.08 -17.63 -28.85
N GLY F 61 -1.64 -18.87 -28.61
CA GLY F 61 -1.07 -19.22 -27.33
C GLY F 61 0.42 -18.97 -27.28
N PHE F 62 0.96 -18.98 -26.06
CA PHE F 62 2.39 -18.91 -25.89
C PHE F 62 2.76 -19.56 -24.57
N ALA F 63 4.01 -19.99 -24.48
CA ALA F 63 4.55 -20.55 -23.26
C ALA F 63 6.00 -20.17 -23.07
N GLU F 64 6.49 -19.18 -23.82
CA GLU F 64 7.86 -18.73 -23.70
C GLU F 64 7.82 -17.21 -23.73
N VAL F 65 8.44 -16.58 -22.73
CA VAL F 65 8.44 -15.12 -22.67
C VAL F 65 9.70 -14.66 -21.96
N GLN F 66 10.35 -13.66 -22.55
CA GLN F 66 11.52 -13.06 -21.95
C GLN F 66 11.12 -11.78 -21.21
N PHE F 67 11.78 -11.54 -20.06
CA PHE F 67 11.58 -10.34 -19.24
C PHE F 67 12.84 -9.50 -19.25
N ASN F 68 12.73 -8.24 -19.67
CA ASN F 68 13.83 -7.29 -19.65
C ASN F 68 13.41 -6.05 -18.85
N ASN F 69 14.37 -5.49 -18.11
CA ASN F 69 14.20 -4.14 -17.60
C ASN F 69 14.62 -3.14 -18.67
N ASP F 70 14.50 -1.86 -18.36
CA ASP F 70 14.95 -0.78 -19.23
C ASP F 70 16.42 -0.92 -19.59
N ARG G 1 -6.44 3.63 12.83
CA ARG G 1 -6.06 3.90 11.45
C ARG G 1 -5.69 5.38 11.29
N ARG G 2 -5.98 5.96 10.13
CA ARG G 2 -5.59 7.34 9.89
C ARG G 2 -6.35 8.29 10.82
N ARG G 3 -5.62 9.16 11.50
CA ARG G 3 -6.24 10.13 12.40
C ARG G 3 -6.58 11.42 11.65
N ALA G 4 -7.66 12.09 12.04
CA ALA G 4 -8.04 13.38 11.43
C ALA G 4 -7.53 14.57 12.26
N NH2 G 5 -7.35 14.33 13.56
N1 1PS H . 16.98 -26.08 -20.99
C1 1PS H . 16.16 -26.94 -20.22
C2 1PS H . 16.40 -28.31 -20.21
C3 1PS H . 18.04 -26.63 -21.72
C4 1PS H . 18.27 -28.01 -21.69
C5 1PS H . 17.46 -28.84 -20.94
C6 1PS H . 16.73 -24.61 -21.02
C7 1PS H . 15.96 -24.16 -22.26
C8 1PS H . 14.52 -24.69 -22.17
S1 1PS H . 13.74 -24.66 -23.84
O1 1PS H . 12.24 -24.97 -23.72
O2 1PS H . 14.44 -25.71 -24.72
O3 1PS H . 13.91 -23.26 -24.44
N1 1PS I . 20.85 -27.77 4.98
C1 1PS I . 19.70 -28.52 4.69
C2 1PS I . 19.44 -29.69 5.38
C3 1PS I . 21.74 -28.21 5.96
C4 1PS I . 21.48 -29.39 6.65
C5 1PS I . 20.33 -30.13 6.36
C6 1PS I . 21.12 -26.51 4.25
C7 1PS I . 22.10 -26.68 3.09
C8 1PS I . 21.41 -27.52 2.02
S1 1PS I . 22.62 -27.87 0.70
O1 1PS I . 21.84 -28.40 -0.50
O2 1PS I . 23.66 -28.87 1.16
O3 1PS I . 23.31 -26.55 0.34
N1 1PS J . -2.12 -22.77 16.46
C1 1PS J . -2.41 -23.61 15.39
C2 1PS J . -3.40 -24.59 15.51
C3 1PS J . -2.83 -22.89 17.66
C4 1PS J . -3.81 -23.87 17.77
C5 1PS J . -4.10 -24.72 16.72
C6 1PS J . -1.08 -21.71 16.32
C7 1PS J . 0.27 -22.09 16.91
C8 1PS J . 0.91 -23.15 16.02
S1 1PS J . 2.36 -23.84 16.88
O1 1PS J . 1.94 -24.52 18.18
O2 1PS J . 2.98 -24.89 15.96
O3 1PS J . 3.34 -22.71 17.12
N1 1PS K . -7.74 -19.07 -24.89
C1 1PS K . -7.29 -20.11 -24.07
C2 1PS K . -7.30 -21.44 -24.52
C3 1PS K . -8.21 -19.35 -26.19
C4 1PS K . -8.22 -20.67 -26.63
C5 1PS K . -7.77 -21.70 -25.80
C6 1PS K . -7.72 -17.67 -24.41
C7 1PS K . -9.13 -17.22 -23.97
C8 1PS K . -9.63 -18.13 -22.85
S1 1PS K . -11.41 -17.86 -22.51
O1 1PS K . -12.26 -18.24 -23.73
O2 1PS K . -11.83 -18.71 -21.30
O3 1PS K . -11.62 -16.37 -22.19
C1 GOL L . -3.54 -26.65 -15.72
O1 GOL L . -4.27 -27.60 -16.48
C2 GOL L . -2.41 -26.23 -16.65
O2 GOL L . -2.69 -25.05 -17.30
C3 GOL L . -1.11 -26.21 -15.84
O3 GOL L . -0.07 -26.07 -16.77
#